data_7TZI
#
_entry.id   7TZI
#
_cell.length_a   66.266
_cell.length_b   127.423
_cell.length_c   134.736
_cell.angle_alpha   90
_cell.angle_beta   90
_cell.angle_gamma   90
#
_symmetry.space_group_name_H-M   'P 21 21 21'
#
loop_
_entity.id
_entity.type
_entity.pdbx_description
1 polymer 'Mur ligase family protein'
2 water water
#
_entity_poly.entity_id   1
_entity_poly.type   'polypeptide(L)'
_entity_poly.pdbx_seq_one_letter_code
;ASISGIFTTLGAAEAGDIVIRHWIDEKGIEIASERGVSAIITQDLRGKSSRLAEEHGLPVILVDRIENANALALSWTIER
FAPSSRRVVVTGTNGKSTTTHMIHHIIETTGASSYTNTDSRSEFNTLIDPVVSQQIAEASSDGAPEFMVIEVSEVQGWLG
RVMRDHARMMTAAIGPEVVVITNVAMDHIGLVESVEDVFREVAGALRAIESGVAVLNADDERVRAMAHVNPGLSVVFYGS
DSPVRYDGEGIHIGGDLIIPAEELPFRSEHFIQNTLAAAAACLELGFSPEDIRMGVKTYRPLKRRFSVLMTEPLVIDDFA
HNPSGIRFTVRSAAANLRGRLWVVNAIRGSRGEDINVMNAAALADSLRGLNAELIVTSSSDVVDEQNRVLENERRAFLGV
LDERGASYIHVEKLRDALRMVLDAAKPHDTILLLGAQGMDPAAGIIDEIRM
;
_entity_poly.pdbx_strand_id   A,B
#
# COMPACT_ATOMS: atom_id res chain seq x y z
N ALA A 1 55.87 2.97 -5.92
CA ALA A 1 54.55 2.35 -6.11
C ALA A 1 54.10 2.42 -7.58
N SER A 2 53.11 1.60 -7.98
CA SER A 2 52.59 1.68 -9.37
C SER A 2 51.06 1.78 -9.40
N ILE A 3 50.55 2.64 -10.27
CA ILE A 3 49.10 2.85 -10.42
C ILE A 3 48.61 2.32 -11.81
N SER A 4 49.29 1.30 -12.33
CA SER A 4 48.97 0.63 -13.58
C SER A 4 48.87 -0.90 -13.39
N GLY A 5 48.33 -1.59 -14.40
CA GLY A 5 48.12 -3.03 -14.32
C GLY A 5 46.96 -3.37 -13.42
N ILE A 6 45.89 -2.56 -13.50
CA ILE A 6 44.69 -2.68 -12.70
C ILE A 6 43.53 -3.36 -13.45
N PHE A 7 42.57 -3.91 -12.69
CA PHE A 7 41.41 -4.58 -13.27
C PHE A 7 40.40 -3.54 -13.68
N THR A 8 39.99 -3.53 -14.95
CA THR A 8 39.02 -2.56 -15.46
C THR A 8 37.98 -3.23 -16.38
N THR A 9 36.94 -2.47 -16.76
CA THR A 9 35.97 -2.90 -17.74
C THR A 9 36.63 -2.70 -19.13
N LEU A 10 36.10 -3.35 -20.19
CA LEU A 10 36.67 -3.20 -21.53
C LEU A 10 36.70 -1.74 -21.99
N GLY A 11 35.64 -1.02 -21.68
CA GLY A 11 35.52 0.38 -22.07
C GLY A 11 36.48 1.32 -21.37
N ALA A 12 36.89 1.01 -20.13
CA ALA A 12 37.82 1.85 -19.40
C ALA A 12 39.29 1.38 -19.46
N ALA A 13 39.57 0.30 -20.20
CA ALA A 13 40.91 -0.26 -20.30
C ALA A 13 41.94 0.61 -21.00
N GLU A 14 43.14 0.55 -20.46
CA GLU A 14 44.33 1.23 -20.94
C GLU A 14 45.46 0.19 -21.03
N ALA A 15 46.63 0.58 -21.56
CA ALA A 15 47.75 -0.34 -21.70
C ALA A 15 48.19 -0.95 -20.35
N GLY A 16 48.33 -2.27 -20.33
CA GLY A 16 48.72 -2.99 -19.12
C GLY A 16 47.57 -3.40 -18.22
N ASP A 17 46.35 -2.93 -18.51
CA ASP A 17 45.19 -3.25 -17.69
C ASP A 17 44.66 -4.68 -17.93
N ILE A 18 43.91 -5.22 -16.95
CA ILE A 18 43.36 -6.56 -17.04
C ILE A 18 41.86 -6.43 -17.16
N VAL A 19 41.30 -6.78 -18.30
CA VAL A 19 39.86 -6.69 -18.51
C VAL A 19 39.15 -7.91 -17.96
N ILE A 20 38.13 -7.71 -17.12
CA ILE A 20 37.28 -8.79 -16.66
C ILE A 20 35.93 -8.57 -17.29
N ARG A 21 35.39 -9.58 -17.99
CA ARG A 21 34.11 -9.43 -18.66
C ARG A 21 33.37 -10.74 -18.70
N HIS A 22 32.07 -10.75 -18.39
CA HIS A 22 31.23 -11.95 -18.40
C HIS A 22 31.43 -12.82 -19.67
N TRP A 23 31.43 -12.19 -20.84
CA TRP A 23 31.67 -12.85 -22.11
C TRP A 23 32.39 -11.90 -23.04
N ILE A 24 33.13 -12.43 -24.01
CA ILE A 24 33.81 -11.60 -24.99
C ILE A 24 33.69 -12.21 -26.39
N ASP A 25 33.65 -11.38 -27.41
CA ASP A 25 33.55 -11.84 -28.80
C ASP A 25 34.79 -11.42 -29.63
N GLU A 26 34.82 -11.74 -30.93
CA GLU A 26 35.94 -11.38 -31.79
C GLU A 26 36.21 -9.87 -31.82
N LYS A 27 35.14 -9.04 -31.80
CA LYS A 27 35.30 -7.58 -31.77
C LYS A 27 35.87 -7.08 -30.43
N GLY A 28 35.52 -7.76 -29.34
CA GLY A 28 36.03 -7.43 -28.01
C GLY A 28 37.53 -7.66 -27.96
N ILE A 29 38.00 -8.79 -28.52
CA ILE A 29 39.43 -9.10 -28.59
C ILE A 29 40.20 -8.05 -29.41
N GLU A 30 39.59 -7.54 -30.47
CA GLU A 30 40.23 -6.53 -31.30
C GLU A 30 40.42 -5.22 -30.54
N ILE A 31 39.36 -4.73 -29.89
CA ILE A 31 39.39 -3.53 -29.07
C ILE A 31 40.43 -3.69 -27.96
N ALA A 32 40.46 -4.89 -27.34
CA ALA A 32 41.41 -5.16 -26.28
C ALA A 32 42.87 -5.00 -26.75
N SER A 33 43.29 -5.69 -27.83
CA SER A 33 44.65 -5.58 -28.35
C SER A 33 44.96 -4.19 -28.88
N GLU A 34 43.95 -3.47 -29.38
CA GLU A 34 44.15 -2.08 -29.81
C GLU A 34 44.57 -1.22 -28.58
N ARG A 35 43.95 -1.47 -27.41
CA ARG A 35 44.26 -0.74 -26.18
C ARG A 35 45.46 -1.29 -25.41
N GLY A 36 45.97 -2.45 -25.82
CA GLY A 36 47.14 -3.05 -25.20
C GLY A 36 46.89 -3.63 -23.82
N VAL A 37 45.73 -4.26 -23.63
CA VAL A 37 45.42 -4.87 -22.33
C VAL A 37 46.33 -6.08 -22.15
N SER A 38 46.82 -6.27 -20.92
CA SER A 38 47.72 -7.36 -20.62
C SER A 38 47.02 -8.71 -20.69
N ALA A 39 45.85 -8.85 -20.07
CA ALA A 39 45.13 -10.11 -20.07
C ALA A 39 43.59 -9.91 -19.98
N ILE A 40 42.83 -10.95 -20.33
CA ILE A 40 41.38 -10.91 -20.28
C ILE A 40 40.86 -12.06 -19.46
N ILE A 41 40.05 -11.77 -18.46
CA ILE A 41 39.40 -12.81 -17.67
C ILE A 41 37.94 -12.80 -18.05
N THR A 42 37.45 -13.92 -18.56
CA THR A 42 36.08 -14.07 -19.01
C THR A 42 35.51 -15.44 -18.64
N GLN A 43 34.18 -15.56 -18.69
CA GLN A 43 33.47 -16.82 -18.44
C GLN A 43 33.11 -17.51 -19.80
N ASP A 44 33.15 -16.76 -20.95
CA ASP A 44 32.75 -17.25 -22.26
C ASP A 44 33.46 -16.55 -23.44
N LEU A 45 34.23 -17.32 -24.23
CA LEU A 45 34.85 -16.78 -25.46
C LEU A 45 33.87 -17.15 -26.59
N ARG A 46 33.24 -16.16 -27.22
CA ARG A 46 32.24 -16.38 -28.25
C ARG A 46 32.82 -16.74 -29.61
N GLY A 47 32.35 -17.83 -30.19
CA GLY A 47 32.76 -18.26 -31.53
C GLY A 47 34.22 -18.57 -31.74
N LYS A 48 34.92 -17.70 -32.49
CA LYS A 48 36.33 -17.89 -32.84
C LYS A 48 37.29 -16.86 -32.21
N SER A 49 36.88 -16.23 -31.12
CA SER A 49 37.68 -15.25 -30.40
C SER A 49 38.81 -15.94 -29.60
N SER A 50 38.66 -17.23 -29.26
CA SER A 50 39.69 -17.96 -28.54
C SER A 50 40.97 -18.08 -29.39
N ARG A 51 40.79 -18.34 -30.70
CA ARG A 51 41.88 -18.48 -31.68
C ARG A 51 42.39 -17.12 -32.16
N LEU A 52 41.55 -16.08 -32.16
CA LEU A 52 41.96 -14.73 -32.52
C LEU A 52 42.85 -14.13 -31.41
N ALA A 53 42.55 -14.43 -30.14
CA ALA A 53 43.37 -13.95 -29.01
C ALA A 53 44.77 -14.58 -29.03
N GLU A 54 44.86 -15.84 -29.47
CA GLU A 54 46.10 -16.61 -29.63
C GLU A 54 46.97 -15.91 -30.70
N GLU A 55 46.36 -15.49 -31.82
CA GLU A 55 47.01 -14.77 -32.92
C GLU A 55 47.52 -13.40 -32.46
N HIS A 56 46.75 -12.70 -31.63
CA HIS A 56 47.16 -11.39 -31.10
C HIS A 56 48.11 -11.45 -29.88
N GLY A 57 48.38 -12.66 -29.37
CA GLY A 57 49.24 -12.87 -28.21
C GLY A 57 48.68 -12.32 -26.91
N LEU A 58 47.36 -12.25 -26.83
CA LEU A 58 46.64 -11.74 -25.69
C LEU A 58 46.19 -12.88 -24.77
N PRO A 59 46.79 -13.05 -23.58
CA PRO A 59 46.36 -14.14 -22.70
C PRO A 59 44.90 -14.03 -22.24
N VAL A 60 44.20 -15.17 -22.20
CA VAL A 60 42.80 -15.20 -21.81
C VAL A 60 42.59 -16.28 -20.76
N ILE A 61 42.00 -15.93 -19.62
CA ILE A 61 41.73 -16.90 -18.57
C ILE A 61 40.23 -17.18 -18.57
N LEU A 62 39.83 -18.41 -18.84
CA LEU A 62 38.43 -18.78 -18.76
C LEU A 62 38.12 -19.25 -17.36
N VAL A 63 37.09 -18.67 -16.76
CA VAL A 63 36.68 -19.01 -15.40
C VAL A 63 35.29 -19.64 -15.39
N ASP A 64 35.00 -20.48 -14.39
CA ASP A 64 33.71 -21.15 -14.27
C ASP A 64 32.58 -20.16 -13.99
N ARG A 65 32.86 -19.07 -13.23
CA ARG A 65 31.92 -18.02 -12.90
C ARG A 65 32.61 -16.65 -12.64
N ILE A 66 32.27 -15.66 -13.46
CA ILE A 66 32.87 -14.33 -13.44
C ILE A 66 32.73 -13.64 -12.10
N GLU A 67 31.69 -13.97 -11.31
CA GLU A 67 31.51 -13.34 -10.00
C GLU A 67 32.66 -13.70 -9.07
N ASN A 68 33.16 -14.93 -9.17
CA ASN A 68 34.30 -15.36 -8.37
C ASN A 68 35.57 -14.63 -8.78
N ALA A 69 35.75 -14.40 -10.08
CA ALA A 69 36.89 -13.64 -10.57
C ALA A 69 36.81 -12.21 -10.13
N ASN A 70 35.61 -11.60 -10.14
CA ASN A 70 35.45 -10.22 -9.73
C ASN A 70 35.60 -10.04 -8.24
N ALA A 71 35.23 -11.07 -7.46
CA ALA A 71 35.41 -11.05 -6.02
C ALA A 71 36.91 -11.07 -5.72
N LEU A 72 37.68 -11.91 -6.43
CA LEU A 72 39.12 -11.95 -6.20
C LEU A 72 39.77 -10.68 -6.66
N ALA A 73 39.37 -10.14 -7.81
CA ALA A 73 39.87 -8.85 -8.29
C ALA A 73 39.66 -7.74 -7.27
N LEU A 74 38.53 -7.77 -6.58
CA LEU A 74 38.17 -6.80 -5.59
C LEU A 74 39.07 -6.90 -4.35
N SER A 75 39.28 -8.12 -3.78
CA SER A 75 40.15 -8.28 -2.61
C SER A 75 41.56 -7.79 -2.92
N TRP A 76 42.10 -8.18 -4.08
CA TRP A 76 43.46 -7.79 -4.44
C TRP A 76 43.61 -6.32 -4.64
N THR A 77 42.60 -5.65 -5.20
CA THR A 77 42.62 -4.20 -5.42
C THR A 77 42.63 -3.45 -4.08
N ILE A 78 41.87 -3.96 -3.10
CA ILE A 78 41.80 -3.33 -1.78
C ILE A 78 43.13 -3.53 -1.09
N GLU A 79 43.68 -4.75 -1.08
CA GLU A 79 44.98 -4.99 -0.47
C GLU A 79 46.11 -4.21 -1.16
N ARG A 80 46.04 -4.05 -2.48
CA ARG A 80 47.04 -3.31 -3.22
C ARG A 80 46.93 -1.79 -3.08
N PHE A 81 45.72 -1.24 -2.94
CA PHE A 81 45.57 0.22 -2.96
C PHE A 81 45.10 0.91 -1.65
N ALA A 82 44.34 0.22 -0.79
CA ALA A 82 43.82 0.85 0.41
C ALA A 82 43.62 -0.17 1.55
N PRO A 83 44.66 -0.93 1.92
CA PRO A 83 44.50 -1.97 2.95
C PRO A 83 44.21 -1.45 4.35
N SER A 84 44.57 -0.17 4.62
CA SER A 84 44.34 0.40 5.95
C SER A 84 43.00 1.12 6.10
N SER A 85 42.26 1.30 4.99
CA SER A 85 40.98 1.97 5.02
C SER A 85 39.96 1.16 5.83
N ARG A 86 39.06 1.87 6.52
CA ARG A 86 38.01 1.26 7.33
C ARG A 86 36.79 1.13 6.42
N ARG A 87 36.28 -0.09 6.27
CA ARG A 87 35.20 -0.33 5.33
C ARG A 87 33.90 -0.71 6.00
N VAL A 88 32.79 -0.31 5.36
CA VAL A 88 31.40 -0.56 5.76
C VAL A 88 30.69 -1.14 4.51
N VAL A 89 29.96 -2.22 4.73
CA VAL A 89 29.16 -2.81 3.67
C VAL A 89 27.69 -2.63 4.08
N VAL A 90 26.86 -2.17 3.14
CA VAL A 90 25.44 -1.98 3.40
C VAL A 90 24.64 -2.92 2.49
N THR A 91 23.80 -3.76 3.10
CA THR A 91 22.94 -4.65 2.32
C THR A 91 21.53 -4.71 2.96
N GLY A 92 20.61 -5.33 2.23
CA GLY A 92 19.19 -5.45 2.54
C GLY A 92 18.40 -5.27 1.25
N THR A 93 17.06 -5.19 1.34
CA THR A 93 16.24 -5.10 0.13
C THR A 93 16.05 -3.68 -0.33
N ASN A 94 15.54 -2.83 0.57
CA ASN A 94 15.23 -1.43 0.31
C ASN A 94 16.11 -0.52 1.13
N GLY A 95 16.35 0.67 0.59
CA GLY A 95 17.10 1.70 1.27
C GLY A 95 18.59 1.54 1.44
N LYS A 96 19.22 0.62 0.68
CA LYS A 96 20.68 0.46 0.74
C LYS A 96 21.36 1.74 0.21
N SER A 97 20.91 2.28 -0.93
CA SER A 97 21.52 3.46 -1.52
C SER A 97 21.46 4.65 -0.60
N THR A 98 20.28 4.92 0.01
CA THR A 98 20.13 6.03 0.93
C THR A 98 21.00 5.84 2.17
N THR A 99 20.97 4.67 2.81
CA THR A 99 21.83 4.41 3.98
C THR A 99 23.33 4.63 3.64
N THR A 100 23.81 4.01 2.56
CA THR A 100 25.18 4.12 2.07
C THR A 100 25.55 5.56 1.73
N HIS A 101 24.66 6.29 1.08
CA HIS A 101 24.90 7.67 0.70
C HIS A 101 24.93 8.61 1.92
N MET A 102 24.11 8.34 2.90
CA MET A 102 24.09 9.12 4.13
C MET A 102 25.39 8.85 4.93
N ILE A 103 25.85 7.59 5.06
CA ILE A 103 27.10 7.30 5.78
C ILE A 103 28.26 7.99 5.10
N HIS A 104 28.36 7.87 3.77
CA HIS A 104 29.39 8.52 2.97
C HIS A 104 29.37 10.04 3.22
N HIS A 105 28.18 10.64 3.23
CA HIS A 105 28.01 12.07 3.48
C HIS A 105 28.42 12.48 4.90
N ILE A 106 28.00 11.74 5.93
CA ILE A 106 28.35 12.07 7.31
C ILE A 106 29.88 12.08 7.51
N ILE A 107 30.59 11.12 6.88
CA ILE A 107 32.05 11.02 6.89
C ILE A 107 32.71 12.17 6.10
N GLU A 108 32.22 12.49 4.89
CA GLU A 108 32.78 13.59 4.09
C GLU A 108 32.56 14.97 4.71
N THR A 109 31.44 15.15 5.44
CA THR A 109 31.11 16.39 6.15
C THR A 109 32.18 16.66 7.24
N THR A 110 32.66 15.59 7.89
CA THR A 110 33.66 15.58 8.94
C THR A 110 35.07 16.02 8.46
N GLY A 111 35.26 16.12 7.15
CA GLY A 111 36.57 16.44 6.59
C GLY A 111 37.29 15.21 6.09
N ALA A 112 36.93 14.00 6.63
CA ALA A 112 37.49 12.71 6.24
C ALA A 112 37.23 12.32 4.75
N SER A 113 38.10 11.47 4.19
CA SER A 113 38.01 10.99 2.82
C SER A 113 37.25 9.67 2.80
N SER A 114 36.40 9.50 1.78
CA SER A 114 35.59 8.30 1.68
C SER A 114 35.27 7.95 0.24
N TYR A 115 35.21 6.65 -0.07
CA TYR A 115 34.81 6.19 -1.38
C TYR A 115 33.43 5.53 -1.25
N THR A 116 32.55 5.78 -2.22
CA THR A 116 31.29 5.07 -2.26
C THR A 116 30.92 4.71 -3.69
N ASN A 117 30.36 3.51 -3.86
CA ASN A 117 29.90 2.98 -5.16
C ASN A 117 28.46 3.40 -5.49
N THR A 118 27.75 3.99 -4.51
CA THR A 118 26.37 4.39 -4.63
C THR A 118 26.16 5.63 -5.49
N ASP A 119 24.96 5.69 -6.04
CA ASP A 119 24.32 6.74 -6.84
C ASP A 119 22.79 6.39 -6.95
N SER A 120 21.94 7.34 -7.40
CA SER A 120 20.49 7.09 -7.47
C SER A 120 20.13 5.89 -8.29
N ARG A 121 20.81 5.70 -9.41
CA ARG A 121 20.64 4.60 -10.36
C ARG A 121 21.75 3.61 -10.01
N SER A 122 21.72 3.07 -8.78
CA SER A 122 22.77 2.18 -8.29
C SER A 122 22.89 0.87 -9.07
N GLU A 123 23.78 0.85 -10.08
CA GLU A 123 24.00 -0.33 -10.91
C GLU A 123 25.37 -1.02 -10.69
N PHE A 124 26.22 -0.39 -9.88
CA PHE A 124 27.56 -0.91 -9.64
C PHE A 124 27.72 -1.45 -8.22
N ASN A 125 26.82 -2.32 -7.84
CA ASN A 125 26.87 -2.99 -6.55
C ASN A 125 26.83 -4.51 -6.71
N THR A 126 27.36 -5.00 -7.84
CA THR A 126 27.36 -6.40 -8.27
C THR A 126 28.78 -6.92 -8.55
N LEU A 127 28.92 -8.25 -8.56
CA LEU A 127 30.17 -8.91 -8.93
C LEU A 127 30.14 -9.37 -10.42
N ILE A 128 29.25 -8.82 -11.25
CA ILE A 128 29.22 -9.18 -12.67
C ILE A 128 30.23 -8.31 -13.47
N ASP A 129 30.56 -7.13 -12.95
CA ASP A 129 31.48 -6.17 -13.54
C ASP A 129 32.61 -5.81 -12.58
N PRO A 130 33.84 -5.54 -13.09
CA PRO A 130 34.91 -5.09 -12.18
C PRO A 130 34.84 -3.60 -11.84
N VAL A 131 33.68 -2.94 -12.08
CA VAL A 131 33.49 -1.51 -11.88
C VAL A 131 33.85 -1.01 -10.46
N VAL A 132 33.45 -1.72 -9.39
CA VAL A 132 33.79 -1.26 -8.03
C VAL A 132 35.33 -1.26 -7.84
N SER A 133 36.02 -2.35 -8.22
CA SER A 133 37.49 -2.39 -8.05
C SER A 133 38.21 -1.41 -9.01
N GLN A 134 37.60 -1.12 -10.16
CA GLN A 134 38.13 -0.13 -11.10
C GLN A 134 38.03 1.25 -10.44
N GLN A 135 36.89 1.56 -9.82
CA GLN A 135 36.64 2.81 -9.12
C GLN A 135 37.52 2.97 -7.86
N ILE A 136 37.79 1.87 -7.14
CA ILE A 136 38.64 1.90 -5.94
C ILE A 136 40.08 2.27 -6.35
N ALA A 137 40.56 1.74 -7.48
CA ALA A 137 41.90 2.06 -7.95
C ALA A 137 41.95 3.54 -8.36
N GLU A 138 40.92 4.02 -9.06
CA GLU A 138 40.83 5.41 -9.49
C GLU A 138 40.78 6.38 -8.29
N ALA A 139 40.13 5.97 -7.21
CA ALA A 139 40.02 6.79 -6.01
C ALA A 139 41.32 6.80 -5.25
N SER A 140 42.00 5.65 -5.17
CA SER A 140 43.27 5.52 -4.44
C SER A 140 44.51 5.97 -5.21
N SER A 141 44.36 6.47 -6.45
CA SER A 141 45.47 6.92 -7.29
C SER A 141 46.43 7.93 -6.63
N ASP A 142 45.91 9.06 -6.09
CA ASP A 142 46.74 10.11 -5.46
C ASP A 142 46.58 10.04 -3.92
N GLY A 143 46.57 8.83 -3.40
CA GLY A 143 46.33 8.57 -1.99
C GLY A 143 45.04 7.79 -1.76
N ALA A 144 45.09 6.82 -0.85
CA ALA A 144 43.95 5.97 -0.50
C ALA A 144 42.97 6.71 0.41
N PRO A 145 41.65 6.44 0.29
CA PRO A 145 40.70 7.09 1.21
C PRO A 145 40.64 6.36 2.57
N GLU A 146 40.37 7.12 3.64
CA GLU A 146 40.31 6.55 4.98
C GLU A 146 39.14 5.60 5.15
N PHE A 147 38.03 5.89 4.47
CA PHE A 147 36.82 5.09 4.59
C PHE A 147 36.28 4.62 3.26
N MET A 148 35.56 3.51 3.31
CA MET A 148 34.87 2.98 2.14
C MET A 148 33.44 2.62 2.56
N VAL A 149 32.44 3.08 1.82
CA VAL A 149 31.04 2.76 2.12
C VAL A 149 30.48 2.09 0.85
N ILE A 150 30.26 0.76 0.93
CA ILE A 150 29.84 0.01 -0.24
C ILE A 150 28.53 -0.73 -0.08
N GLU A 151 27.61 -0.43 -1.00
CA GLU A 151 26.30 -1.04 -1.16
C GLU A 151 26.49 -2.41 -1.88
N VAL A 152 25.97 -3.48 -1.28
CA VAL A 152 26.07 -4.81 -1.85
C VAL A 152 24.65 -5.30 -2.15
N SER A 153 24.39 -5.62 -3.43
CA SER A 153 23.13 -6.18 -3.88
C SER A 153 22.96 -7.55 -3.25
N GLU A 154 21.86 -7.77 -2.54
CA GLU A 154 21.55 -8.99 -1.84
C GLU A 154 21.32 -10.14 -2.81
N VAL A 155 20.58 -9.86 -3.89
CA VAL A 155 20.32 -10.85 -4.91
C VAL A 155 20.88 -10.37 -6.22
N GLN A 156 21.59 -11.26 -6.88
CA GLN A 156 22.13 -10.97 -8.18
C GLN A 156 22.12 -12.21 -9.04
N GLY A 157 22.00 -12.00 -10.34
CA GLY A 157 21.95 -13.06 -11.33
C GLY A 157 22.25 -12.54 -12.72
N TRP A 158 23.02 -13.31 -13.47
CA TRP A 158 23.35 -13.05 -14.87
C TRP A 158 22.72 -14.21 -15.63
N LEU A 159 22.05 -13.90 -16.75
CA LEU A 159 21.24 -14.85 -17.55
C LEU A 159 19.99 -15.29 -16.75
N GLY A 160 19.53 -14.48 -15.78
CA GLY A 160 18.43 -14.85 -14.89
C GLY A 160 18.80 -15.96 -13.91
N ARG A 161 19.99 -16.60 -14.12
CA ARG A 161 20.62 -17.67 -13.33
C ARG A 161 21.25 -16.99 -12.09
N VAL A 162 20.61 -17.19 -10.91
CA VAL A 162 21.02 -16.59 -9.64
C VAL A 162 22.48 -16.91 -9.27
N MET A 163 23.19 -15.94 -8.69
CA MET A 163 24.55 -16.14 -8.23
C MET A 163 24.43 -16.40 -6.75
N ARG A 164 24.40 -17.70 -6.35
CA ARG A 164 24.26 -18.05 -4.94
C ARG A 164 25.35 -17.41 -4.07
N ASP A 165 24.97 -16.99 -2.83
CA ASP A 165 25.79 -16.32 -1.83
C ASP A 165 26.58 -15.15 -2.42
N HIS A 166 25.93 -14.35 -3.28
CA HIS A 166 26.54 -13.17 -3.88
C HIS A 166 26.89 -12.18 -2.80
N ALA A 167 25.98 -11.94 -1.85
CA ALA A 167 26.22 -10.97 -0.78
C ALA A 167 27.39 -11.40 0.10
N ARG A 168 27.46 -12.70 0.45
CA ARG A 168 28.56 -13.24 1.24
C ARG A 168 29.87 -13.08 0.49
N MET A 169 29.87 -13.42 -0.79
CA MET A 169 31.01 -13.30 -1.66
C MET A 169 31.52 -11.89 -1.78
N MET A 170 30.63 -10.93 -2.02
CA MET A 170 31.04 -9.54 -2.19
C MET A 170 31.50 -8.93 -0.86
N THR A 171 30.82 -9.27 0.23
CA THR A 171 31.19 -8.75 1.54
C THR A 171 32.57 -9.26 1.95
N ALA A 172 32.82 -10.59 1.81
CA ALA A 172 34.11 -11.19 2.17
C ALA A 172 35.27 -10.62 1.36
N ALA A 173 35.01 -10.22 0.12
CA ALA A 173 36.03 -9.61 -0.71
C ALA A 173 36.40 -8.23 -0.17
N ILE A 174 35.42 -7.47 0.29
CA ILE A 174 35.64 -6.14 0.85
C ILE A 174 36.30 -6.26 2.24
N GLY A 175 35.76 -7.14 3.07
CA GLY A 175 36.23 -7.34 4.43
C GLY A 175 36.01 -6.09 5.24
N PRO A 176 34.73 -5.72 5.50
CA PRO A 176 34.46 -4.49 6.26
C PRO A 176 34.53 -4.73 7.76
N GLU A 177 34.71 -3.64 8.52
CA GLU A 177 34.66 -3.73 9.97
C GLU A 177 33.19 -3.66 10.46
N VAL A 178 32.32 -2.92 9.73
CA VAL A 178 30.89 -2.75 10.03
C VAL A 178 30.03 -3.29 8.87
N VAL A 179 28.95 -4.02 9.19
CA VAL A 179 27.98 -4.52 8.21
C VAL A 179 26.58 -4.05 8.60
N VAL A 180 25.94 -3.23 7.74
CA VAL A 180 24.62 -2.67 7.99
C VAL A 180 23.51 -3.41 7.23
N ILE A 181 22.49 -3.91 7.93
CA ILE A 181 21.38 -4.60 7.28
C ILE A 181 20.14 -3.70 7.35
N THR A 182 19.53 -3.40 6.19
CA THR A 182 18.37 -2.49 6.17
C THR A 182 17.08 -3.30 6.37
N ASN A 183 16.64 -4.08 5.37
CA ASN A 183 15.42 -4.87 5.53
C ASN A 183 15.38 -6.12 4.66
N VAL A 184 14.42 -6.99 4.94
CA VAL A 184 14.20 -8.19 4.20
C VAL A 184 12.79 -8.03 3.66
N ALA A 185 12.70 -7.89 2.36
CA ALA A 185 11.44 -7.69 1.68
C ALA A 185 11.43 -8.44 0.34
N MET A 186 10.23 -8.65 -0.24
CA MET A 186 10.12 -9.33 -1.49
C MET A 186 10.43 -8.38 -2.64
N ASP A 187 11.19 -8.89 -3.62
CA ASP A 187 11.64 -8.25 -4.85
C ASP A 187 12.55 -9.25 -5.57
N HIS A 188 12.75 -9.04 -6.88
CA HIS A 188 13.60 -9.88 -7.73
C HIS A 188 13.05 -11.29 -7.75
N ILE A 189 11.78 -11.42 -8.18
CA ILE A 189 11.15 -12.73 -8.27
C ILE A 189 11.74 -13.45 -9.52
N GLY A 190 12.05 -14.74 -9.33
CA GLY A 190 12.77 -15.54 -10.31
C GLY A 190 14.04 -15.98 -9.63
N LEU A 191 14.80 -14.98 -9.14
CA LEU A 191 16.00 -15.22 -8.34
C LEU A 191 15.51 -15.76 -7.00
N VAL A 192 14.55 -15.07 -6.36
CA VAL A 192 13.97 -15.54 -5.11
C VAL A 192 12.45 -15.71 -5.23
N GLU A 193 11.92 -16.75 -4.58
CA GLU A 193 10.48 -16.98 -4.61
C GLU A 193 9.85 -16.80 -3.21
N SER A 194 10.58 -17.21 -2.17
CA SER A 194 10.19 -17.12 -0.77
C SER A 194 10.97 -16.01 -0.03
N VAL A 195 10.42 -15.52 1.08
CA VAL A 195 11.04 -14.53 1.98
C VAL A 195 12.23 -15.18 2.74
N GLU A 196 12.22 -16.50 2.91
CA GLU A 196 13.33 -17.22 3.52
C GLU A 196 14.52 -17.26 2.55
N ASP A 197 14.29 -17.26 1.22
CA ASP A 197 15.36 -17.17 0.24
C ASP A 197 16.12 -15.85 0.42
N VAL A 198 15.37 -14.76 0.67
CA VAL A 198 15.90 -13.43 0.88
C VAL A 198 16.61 -13.36 2.21
N PHE A 199 16.03 -13.94 3.25
CA PHE A 199 16.64 -13.97 4.58
C PHE A 199 18.02 -14.64 4.55
N ARG A 200 18.13 -15.83 3.89
CA ARG A 200 19.38 -16.61 3.77
C ARG A 200 20.48 -15.86 3.01
N GLU A 201 20.07 -15.12 1.97
CA GLU A 201 21.01 -14.33 1.18
C GLU A 201 21.51 -13.10 1.93
N VAL A 202 20.60 -12.41 2.63
CA VAL A 202 20.94 -11.19 3.37
C VAL A 202 21.79 -11.52 4.59
N ALA A 203 21.47 -12.62 5.28
CA ALA A 203 22.22 -13.10 6.44
C ALA A 203 23.64 -13.53 6.08
N GLY A 204 23.84 -13.97 4.84
CA GLY A 204 25.14 -14.38 4.32
C GLY A 204 26.21 -13.31 4.42
N ALA A 205 25.82 -12.02 4.28
CA ALA A 205 26.76 -10.92 4.46
C ALA A 205 27.37 -10.94 5.88
N LEU A 206 26.64 -11.47 6.88
CA LEU A 206 27.16 -11.54 8.23
C LEU A 206 28.11 -12.72 8.42
N ARG A 207 27.85 -13.82 7.70
CA ARG A 207 28.73 -14.99 7.71
C ARG A 207 30.06 -14.72 6.96
N ALA A 208 30.16 -13.63 6.20
CA ALA A 208 31.34 -13.30 5.40
C ALA A 208 32.55 -12.83 6.22
N ILE A 209 32.35 -12.39 7.47
CA ILE A 209 33.47 -11.92 8.29
C ILE A 209 33.53 -12.62 9.65
N GLU A 210 34.75 -12.93 10.14
CA GLU A 210 34.97 -13.61 11.43
C GLU A 210 34.66 -12.70 12.63
N SER A 211 34.98 -11.40 12.48
CA SER A 211 34.77 -10.43 13.54
C SER A 211 34.44 -9.03 13.02
N GLY A 212 33.73 -8.24 13.83
CA GLY A 212 33.30 -6.88 13.50
C GLY A 212 31.96 -6.51 14.10
N VAL A 213 31.34 -5.41 13.65
CA VAL A 213 30.05 -4.97 14.20
C VAL A 213 28.91 -5.13 13.20
N ALA A 214 27.80 -5.72 13.65
CA ALA A 214 26.60 -5.91 12.84
C ALA A 214 25.54 -4.89 13.25
N VAL A 215 25.28 -3.90 12.40
CA VAL A 215 24.27 -2.87 12.61
C VAL A 215 22.90 -3.37 12.07
N LEU A 216 22.05 -3.89 12.96
CA LEU A 216 20.77 -4.45 12.58
C LEU A 216 19.58 -3.57 12.91
N ASN A 217 18.50 -3.72 12.11
CA ASN A 217 17.20 -3.07 12.19
C ASN A 217 16.28 -3.81 13.16
N ALA A 218 15.94 -3.15 14.28
CA ALA A 218 15.04 -3.64 15.33
C ALA A 218 13.58 -3.63 14.91
N ASP A 219 13.22 -2.79 13.90
CA ASP A 219 11.87 -2.69 13.35
C ASP A 219 11.52 -3.79 12.31
N ASP A 220 12.47 -4.68 11.97
CA ASP A 220 12.20 -5.78 11.03
C ASP A 220 12.38 -7.07 11.85
N GLU A 221 11.35 -7.94 11.91
CA GLU A 221 11.47 -9.15 12.72
C GLU A 221 12.59 -10.08 12.21
N ARG A 222 12.75 -10.16 10.88
CA ARG A 222 13.79 -11.00 10.28
C ARG A 222 15.20 -10.43 10.45
N VAL A 223 15.36 -9.09 10.32
CA VAL A 223 16.67 -8.46 10.48
C VAL A 223 17.15 -8.55 11.94
N ARG A 224 16.22 -8.48 12.90
CA ARG A 224 16.50 -8.62 14.33
C ARG A 224 16.94 -10.08 14.62
N ALA A 225 16.33 -11.06 13.93
CA ALA A 225 16.67 -12.49 14.05
C ALA A 225 18.11 -12.81 13.59
N MET A 226 18.75 -11.90 12.85
CA MET A 226 20.11 -12.11 12.37
C MET A 226 21.19 -11.89 13.43
N ALA A 227 20.82 -11.58 14.68
CA ALA A 227 21.80 -11.37 15.73
C ALA A 227 22.55 -12.66 16.05
N HIS A 228 21.89 -13.81 15.91
CA HIS A 228 22.51 -15.10 16.20
C HIS A 228 23.06 -15.78 14.96
N VAL A 229 23.44 -15.01 13.93
CA VAL A 229 24.00 -15.60 12.71
C VAL A 229 25.50 -15.75 12.88
N ASN A 230 26.17 -14.68 13.31
CA ASN A 230 27.60 -14.74 13.52
C ASN A 230 27.93 -14.30 14.91
N PRO A 231 28.17 -15.29 15.81
CA PRO A 231 28.53 -14.95 17.20
C PRO A 231 29.85 -14.19 17.37
N GLY A 232 30.73 -14.26 16.38
CA GLY A 232 32.00 -13.52 16.43
C GLY A 232 31.84 -12.02 16.26
N LEU A 233 30.62 -11.57 15.91
CA LEU A 233 30.33 -10.16 15.70
C LEU A 233 29.58 -9.56 16.88
N SER A 234 29.96 -8.32 17.24
CA SER A 234 29.22 -7.60 18.27
C SER A 234 28.01 -6.97 17.53
N VAL A 235 26.80 -7.10 18.08
CA VAL A 235 25.59 -6.60 17.43
C VAL A 235 25.09 -5.26 17.97
N VAL A 236 24.74 -4.33 17.09
CA VAL A 236 24.20 -3.03 17.49
C VAL A 236 22.84 -2.84 16.82
N PHE A 237 21.82 -2.30 17.52
CA PHE A 237 20.49 -2.14 16.93
C PHE A 237 20.06 -0.72 16.71
N TYR A 238 19.13 -0.53 15.76
CA TYR A 238 18.57 0.79 15.45
C TYR A 238 17.05 0.69 15.17
N GLY A 239 16.28 1.70 15.55
CA GLY A 239 14.85 1.71 15.28
C GLY A 239 13.88 2.00 16.41
N SER A 240 13.59 1.00 17.24
CA SER A 240 12.61 1.15 18.32
C SER A 240 13.16 0.64 19.64
N ASP A 241 13.11 1.49 20.70
CA ASP A 241 13.61 1.20 22.05
C ASP A 241 15.17 1.19 22.11
N SER A 242 15.83 0.88 20.99
CA SER A 242 17.27 0.84 20.79
C SER A 242 17.90 2.24 20.98
N PRO A 243 19.21 2.31 21.27
CA PRO A 243 19.86 3.63 21.46
C PRO A 243 19.58 4.63 20.35
N VAL A 244 19.67 4.21 19.08
CA VAL A 244 19.35 5.09 17.96
C VAL A 244 17.89 4.81 17.63
N ARG A 245 17.01 5.79 17.85
CA ARG A 245 15.58 5.58 17.69
C ARG A 245 14.86 6.86 17.28
N TYR A 246 13.60 6.72 16.85
CA TYR A 246 12.78 7.86 16.44
C TYR A 246 11.43 7.81 17.14
N ASP A 247 10.92 9.01 17.48
CA ASP A 247 9.57 9.20 18.02
C ASP A 247 9.10 10.66 17.74
N GLY A 248 8.07 11.13 18.44
CA GLY A 248 7.54 12.46 18.24
C GLY A 248 8.56 13.57 18.41
N GLU A 249 9.43 13.48 19.46
CA GLU A 249 10.46 14.48 19.73
C GLU A 249 11.46 14.59 18.57
N GLY A 250 11.81 13.44 17.99
CA GLY A 250 12.74 13.35 16.87
C GLY A 250 13.67 12.16 16.95
N ILE A 251 14.92 12.36 16.53
CA ILE A 251 15.93 11.30 16.54
C ILE A 251 16.76 11.32 17.81
N HIS A 252 16.72 10.23 18.57
CA HIS A 252 17.43 10.12 19.84
C HIS A 252 18.70 9.28 19.75
N ILE A 253 19.87 9.93 19.68
CA ILE A 253 21.13 9.18 19.73
C ILE A 253 21.43 9.02 21.23
N GLY A 254 21.51 7.80 21.71
CA GLY A 254 21.69 7.53 23.14
C GLY A 254 20.47 7.96 23.93
N GLY A 255 20.66 8.27 25.22
CA GLY A 255 19.55 8.74 26.05
C GLY A 255 19.04 10.11 25.66
N ASP A 256 19.93 10.94 25.08
CA ASP A 256 19.64 12.33 24.65
C ASP A 256 18.90 12.40 23.31
N LEU A 257 18.39 13.58 22.94
CA LEU A 257 17.70 13.76 21.67
C LEU A 257 18.58 14.67 20.84
N ILE A 258 19.30 14.11 19.89
CA ILE A 258 20.24 14.88 19.09
C ILE A 258 19.54 15.73 18.01
N ILE A 259 18.53 15.19 17.31
CA ILE A 259 17.83 15.97 16.29
C ILE A 259 16.35 16.07 16.54
N PRO A 260 15.85 17.25 16.91
CA PRO A 260 14.39 17.42 17.07
C PRO A 260 13.67 17.46 15.73
N ALA A 261 12.42 16.95 15.71
CA ALA A 261 11.54 16.83 14.56
C ALA A 261 11.62 17.96 13.51
N GLU A 262 11.67 19.20 13.96
CA GLU A 262 11.71 20.38 13.10
C GLU A 262 13.04 20.59 12.39
N GLU A 263 14.15 20.14 12.99
CA GLU A 263 15.48 20.27 12.41
C GLU A 263 15.74 19.31 11.24
N LEU A 264 14.92 18.24 11.12
CA LEU A 264 15.00 17.21 10.09
C LEU A 264 14.75 17.78 8.70
N PRO A 265 15.67 17.57 7.72
CA PRO A 265 15.42 18.13 6.37
C PRO A 265 14.28 17.43 5.62
N PHE A 266 14.07 16.14 5.90
CA PHE A 266 13.03 15.28 5.31
C PHE A 266 12.39 14.48 6.44
N ARG A 267 11.13 14.06 6.23
CA ARG A 267 10.35 13.38 7.27
C ARG A 267 9.76 12.03 6.89
N SER A 268 10.04 11.54 5.67
CA SER A 268 9.44 10.29 5.21
C SER A 268 9.91 9.06 6.03
N GLU A 269 9.17 7.93 5.94
CA GLU A 269 9.52 6.71 6.66
C GLU A 269 10.87 6.20 6.17
N HIS A 270 11.04 6.18 4.82
CA HIS A 270 12.26 5.79 4.12
C HIS A 270 13.45 6.62 4.64
N PHE A 271 13.36 7.95 4.60
CA PHE A 271 14.44 8.80 5.06
C PHE A 271 14.79 8.56 6.52
N ILE A 272 13.80 8.54 7.38
CA ILE A 272 14.03 8.42 8.80
C ILE A 272 14.63 7.08 9.16
N GLN A 273 14.10 5.99 8.60
CA GLN A 273 14.62 4.66 8.95
C GLN A 273 16.06 4.45 8.47
N ASN A 274 16.34 4.93 7.25
CA ASN A 274 17.66 4.84 6.66
C ASN A 274 18.69 5.76 7.34
N THR A 275 18.23 6.87 7.94
CA THR A 275 19.06 7.79 8.70
C THR A 275 19.45 7.19 10.02
N LEU A 276 18.55 6.45 10.67
CA LEU A 276 18.91 5.78 11.92
C LEU A 276 20.00 4.72 11.65
N ALA A 277 19.87 3.97 10.54
CA ALA A 277 20.86 2.95 10.12
C ALA A 277 22.22 3.61 9.87
N ALA A 278 22.24 4.75 9.17
CA ALA A 278 23.48 5.45 8.88
C ALA A 278 24.11 5.93 10.21
N ALA A 279 23.29 6.55 11.09
CA ALA A 279 23.72 7.06 12.39
C ALA A 279 24.32 5.94 13.23
N ALA A 280 23.60 4.83 13.38
CA ALA A 280 24.07 3.68 14.15
C ALA A 280 25.46 3.19 13.68
N ALA A 281 25.69 3.09 12.38
CA ALA A 281 26.96 2.65 11.83
C ALA A 281 28.07 3.67 12.12
N CYS A 282 27.76 4.99 11.98
CA CYS A 282 28.70 6.09 12.23
C CYS A 282 29.15 6.15 13.68
N LEU A 283 28.28 5.75 14.62
CA LEU A 283 28.68 5.68 16.02
C LEU A 283 29.74 4.59 16.20
N GLU A 284 29.59 3.46 15.50
CA GLU A 284 30.57 2.38 15.50
C GLU A 284 31.90 2.76 14.87
N LEU A 285 31.87 3.64 13.87
CA LEU A 285 33.11 4.16 13.28
C LEU A 285 33.78 5.25 14.17
N GLY A 286 33.26 5.46 15.37
CA GLY A 286 33.76 6.44 16.33
C GLY A 286 33.45 7.87 16.00
N PHE A 287 32.28 8.15 15.43
CA PHE A 287 31.89 9.53 15.13
C PHE A 287 30.97 10.04 16.22
N SER A 288 31.06 11.34 16.52
CA SER A 288 30.26 11.93 17.59
C SER A 288 28.85 12.22 17.13
N PRO A 289 27.86 12.15 18.04
CA PRO A 289 26.49 12.51 17.65
C PRO A 289 26.37 13.93 17.08
N GLU A 290 27.36 14.80 17.32
CA GLU A 290 27.34 16.15 16.75
C GLU A 290 27.77 16.12 15.28
N ASP A 291 28.74 15.25 14.94
CA ASP A 291 29.21 15.01 13.57
C ASP A 291 28.03 14.47 12.74
N ILE A 292 27.24 13.55 13.33
CA ILE A 292 26.08 12.94 12.72
C ILE A 292 24.98 13.98 12.53
N ARG A 293 24.66 14.77 13.58
CA ARG A 293 23.67 15.84 13.53
C ARG A 293 23.97 16.82 12.42
N MET A 294 25.24 17.14 12.25
CA MET A 294 25.69 18.06 11.21
C MET A 294 25.52 17.45 9.80
N GLY A 295 25.84 16.17 9.69
CA GLY A 295 25.70 15.43 8.44
C GLY A 295 24.26 15.37 7.98
N VAL A 296 23.37 14.89 8.86
CA VAL A 296 21.94 14.77 8.60
C VAL A 296 21.32 16.08 8.12
N LYS A 297 21.63 17.19 8.81
CA LYS A 297 21.08 18.49 8.44
C LYS A 297 21.62 19.04 7.12
N THR A 298 22.84 18.61 6.73
CA THR A 298 23.50 18.99 5.47
C THR A 298 23.14 18.03 4.29
N TYR A 299 22.46 16.91 4.58
CA TYR A 299 22.14 15.88 3.59
C TYR A 299 21.27 16.31 2.41
N ARG A 300 21.63 15.86 1.18
CA ARG A 300 20.87 16.06 -0.05
C ARG A 300 20.44 14.67 -0.63
N PRO A 301 19.14 14.41 -0.80
CA PRO A 301 18.69 13.08 -1.22
C PRO A 301 18.92 12.68 -2.66
N LEU A 302 18.86 11.37 -2.90
CA LEU A 302 19.02 10.84 -4.23
C LEU A 302 17.78 11.16 -5.07
N LYS A 303 17.91 11.17 -6.40
CA LYS A 303 16.79 11.45 -7.28
C LYS A 303 15.61 10.49 -7.02
N ARG A 304 14.37 11.01 -7.10
CA ARG A 304 13.14 10.24 -6.94
C ARG A 304 13.03 9.49 -5.59
N ARG A 305 13.53 10.10 -4.51
CA ARG A 305 13.38 9.51 -3.18
C ARG A 305 12.46 10.47 -2.49
N PHE A 306 11.15 10.31 -2.66
CA PHE A 306 10.14 11.21 -2.11
C PHE A 306 10.40 12.66 -2.51
N SER A 307 10.83 12.85 -3.74
CA SER A 307 11.21 14.16 -4.21
C SER A 307 10.04 15.12 -4.50
N VAL A 308 9.99 16.27 -3.79
CA VAL A 308 8.95 17.24 -4.00
C VAL A 308 9.20 18.05 -5.29
N LEU A 309 8.37 17.84 -6.28
CA LEU A 309 8.49 18.50 -7.56
C LEU A 309 7.63 19.74 -7.62
N MET A 310 6.47 19.73 -6.95
CA MET A 310 5.54 20.83 -7.04
C MET A 310 4.87 21.13 -5.74
N THR A 311 4.44 22.37 -5.61
CA THR A 311 3.69 22.87 -4.47
C THR A 311 2.34 23.32 -5.03
N GLU A 312 1.29 23.14 -4.24
CA GLU A 312 -0.11 23.41 -4.60
C GLU A 312 -0.46 23.20 -6.11
N PRO A 313 -0.77 21.95 -6.50
CA PRO A 313 -0.85 20.75 -5.65
C PRO A 313 0.49 20.12 -5.36
N LEU A 314 0.60 19.48 -4.20
CA LEU A 314 1.86 18.84 -3.81
C LEU A 314 2.15 17.68 -4.76
N VAL A 315 3.31 17.69 -5.46
CA VAL A 315 3.65 16.60 -6.37
C VAL A 315 4.88 15.86 -5.89
N ILE A 316 4.74 14.61 -5.48
CA ILE A 316 5.83 13.81 -4.93
C ILE A 316 6.24 12.71 -5.89
N ASP A 317 7.54 12.58 -6.14
CA ASP A 317 8.09 11.60 -7.08
C ASP A 317 8.88 10.57 -6.30
N ASP A 318 8.33 9.34 -6.16
CA ASP A 318 9.06 8.30 -5.44
C ASP A 318 9.29 7.05 -6.33
N PHE A 319 10.46 6.45 -6.16
CA PHE A 319 10.89 5.30 -6.93
C PHE A 319 10.43 3.94 -6.31
N ALA A 320 9.32 3.93 -5.56
CA ALA A 320 8.81 2.69 -4.99
C ALA A 320 8.48 1.68 -6.11
N HIS A 321 9.18 0.56 -6.09
CA HIS A 321 9.05 -0.45 -7.12
C HIS A 321 8.68 -1.84 -6.55
N ASN A 322 8.56 -1.97 -5.22
CA ASN A 322 8.20 -3.25 -4.59
C ASN A 322 7.06 -3.04 -3.54
N PRO A 323 6.40 -4.10 -3.04
CA PRO A 323 5.29 -3.90 -2.09
C PRO A 323 5.61 -3.12 -0.81
N SER A 324 6.63 -3.49 -0.04
CA SER A 324 6.96 -2.77 1.21
C SER A 324 7.30 -1.31 0.95
N GLY A 325 7.96 -1.04 -0.17
CA GLY A 325 8.30 0.29 -0.59
C GLY A 325 7.05 1.07 -0.89
N ILE A 326 6.17 0.52 -1.74
CA ILE A 326 4.88 1.15 -2.07
C ILE A 326 4.06 1.47 -0.78
N ARG A 327 3.90 0.48 0.13
CA ARG A 327 3.18 0.68 1.39
C ARG A 327 3.76 1.80 2.19
N PHE A 328 5.12 1.85 2.32
CA PHE A 328 5.82 2.92 3.07
C PHE A 328 5.56 4.29 2.43
N THR A 329 5.77 4.41 1.11
CA THR A 329 5.58 5.69 0.42
C THR A 329 4.18 6.21 0.57
N VAL A 330 3.15 5.34 0.44
CA VAL A 330 1.74 5.75 0.55
C VAL A 330 1.46 6.22 1.97
N ARG A 331 1.98 5.54 3.02
CA ARG A 331 1.79 5.98 4.41
C ARG A 331 2.37 7.40 4.61
N SER A 332 3.56 7.67 4.06
CA SER A 332 4.25 8.97 4.14
C SER A 332 3.48 10.05 3.40
N ALA A 333 2.82 9.70 2.30
CA ALA A 333 2.04 10.62 1.51
C ALA A 333 0.69 10.94 2.18
N ALA A 334 0.12 9.93 2.81
CA ALA A 334 -1.13 10.08 3.53
C ALA A 334 -0.97 10.88 4.81
N ALA A 335 0.23 10.94 5.38
CA ALA A 335 0.45 11.64 6.66
C ALA A 335 0.09 13.13 6.65
N ASN A 336 0.50 13.87 5.64
CA ASN A 336 0.21 15.30 5.55
C ASN A 336 -0.85 15.58 4.48
N LEU A 337 -1.90 14.76 4.45
CA LEU A 337 -2.93 14.87 3.42
C LEU A 337 -4.04 15.90 3.73
N ARG A 338 -4.20 16.88 2.84
CA ARG A 338 -5.21 17.95 3.00
C ARG A 338 -6.43 17.79 2.09
N GLY A 339 -6.30 17.02 1.02
CA GLY A 339 -7.40 16.81 0.11
C GLY A 339 -7.39 15.42 -0.45
N ARG A 340 -7.52 15.32 -1.76
CA ARG A 340 -7.51 14.02 -2.43
C ARG A 340 -6.09 13.59 -2.78
N LEU A 341 -5.85 12.27 -2.77
CA LEU A 341 -4.55 11.72 -3.11
C LEU A 341 -4.67 11.15 -4.50
N TRP A 342 -3.89 11.65 -5.43
CA TRP A 342 -3.91 11.15 -6.80
C TRP A 342 -2.65 10.33 -6.95
N VAL A 343 -2.78 9.02 -7.21
CA VAL A 343 -1.62 8.15 -7.33
C VAL A 343 -1.42 7.74 -8.76
N VAL A 344 -0.27 8.09 -9.35
CA VAL A 344 0.04 7.69 -10.73
C VAL A 344 1.10 6.63 -10.64
N ASN A 345 0.76 5.39 -10.97
CA ASN A 345 1.71 4.29 -10.83
C ASN A 345 2.06 3.69 -12.17
N ALA A 346 3.36 3.47 -12.41
CA ALA A 346 3.81 2.87 -13.68
C ALA A 346 4.17 1.39 -13.53
N ILE A 347 3.39 0.51 -14.22
CA ILE A 347 3.57 -0.96 -14.25
C ILE A 347 5.03 -1.28 -14.61
N ARG A 348 5.69 -2.20 -13.87
CA ARG A 348 7.09 -2.51 -14.14
C ARG A 348 7.28 -3.36 -15.39
N GLY A 349 7.42 -2.67 -16.51
CA GLY A 349 7.61 -3.30 -17.81
C GLY A 349 8.76 -4.28 -17.88
N SER A 350 8.49 -5.40 -18.55
CA SER A 350 9.40 -6.50 -18.81
C SER A 350 10.01 -7.07 -17.53
N ARG A 351 9.23 -7.07 -16.43
CA ARG A 351 9.70 -7.64 -15.16
C ARG A 351 8.92 -8.86 -14.68
N GLY A 352 8.08 -9.43 -15.54
CA GLY A 352 7.30 -10.60 -15.19
C GLY A 352 5.97 -10.27 -14.57
N GLU A 353 5.06 -11.23 -14.49
CA GLU A 353 3.74 -10.98 -13.91
C GLU A 353 3.76 -10.96 -12.40
N ASP A 354 4.62 -11.78 -11.76
CA ASP A 354 4.66 -11.89 -10.31
C ASP A 354 4.94 -10.56 -9.58
N ILE A 355 5.94 -9.75 -9.99
CA ILE A 355 6.16 -8.47 -9.30
C ILE A 355 4.98 -7.53 -9.52
N ASN A 356 4.41 -7.55 -10.73
CA ASN A 356 3.32 -6.68 -11.05
C ASN A 356 2.04 -7.03 -10.31
N VAL A 357 1.83 -8.31 -9.99
CA VAL A 357 0.67 -8.69 -9.21
C VAL A 357 0.86 -8.27 -7.76
N MET A 358 2.09 -8.47 -7.21
CA MET A 358 2.40 -8.14 -5.83
C MET A 358 2.30 -6.65 -5.58
N ASN A 359 2.69 -5.84 -6.56
CA ASN A 359 2.64 -4.39 -6.44
C ASN A 359 1.24 -3.90 -6.55
N ALA A 360 0.45 -4.48 -7.48
CA ALA A 360 -0.95 -4.11 -7.67
C ALA A 360 -1.73 -4.37 -6.37
N ALA A 361 -1.47 -5.51 -5.73
CA ALA A 361 -2.09 -5.87 -4.45
C ALA A 361 -1.71 -4.86 -3.35
N ALA A 362 -0.41 -4.52 -3.22
CA ALA A 362 0.07 -3.56 -2.24
C ALA A 362 -0.52 -2.19 -2.47
N LEU A 363 -0.69 -1.78 -3.73
CA LEU A 363 -1.27 -0.50 -4.05
C LEU A 363 -2.72 -0.44 -3.58
N ALA A 364 -3.49 -1.50 -3.85
CA ALA A 364 -4.88 -1.57 -3.48
C ALA A 364 -5.07 -1.48 -1.96
N ASP A 365 -4.26 -2.20 -1.18
CA ASP A 365 -4.37 -2.16 0.28
C ASP A 365 -4.00 -0.79 0.81
N SER A 366 -2.86 -0.24 0.44
CA SER A 366 -2.43 1.07 0.91
C SER A 366 -3.42 2.19 0.60
N LEU A 367 -4.18 2.05 -0.48
CA LEU A 367 -5.16 3.07 -0.87
C LEU A 367 -6.56 2.89 -0.27
N ARG A 368 -6.92 1.72 0.26
CA ARG A 368 -8.25 1.52 0.84
C ARG A 368 -8.40 2.36 2.13
N GLY A 369 -9.56 3.00 2.25
CA GLY A 369 -9.85 3.88 3.37
C GLY A 369 -9.28 5.28 3.19
N LEU A 370 -8.90 5.65 1.97
CA LEU A 370 -8.33 6.96 1.67
C LEU A 370 -9.17 7.64 0.60
N ASN A 371 -9.14 8.97 0.57
CA ASN A 371 -9.80 9.74 -0.48
C ASN A 371 -8.74 9.73 -1.59
N ALA A 372 -8.74 8.68 -2.41
CA ALA A 372 -7.71 8.52 -3.42
C ALA A 372 -8.17 7.98 -4.76
N GLU A 373 -7.49 8.41 -5.81
CA GLU A 373 -7.76 7.96 -7.17
C GLU A 373 -6.50 7.33 -7.74
N LEU A 374 -6.63 6.21 -8.42
CA LEU A 374 -5.46 5.52 -8.96
C LEU A 374 -5.39 5.53 -10.47
N ILE A 375 -4.32 6.10 -11.01
CA ILE A 375 -4.10 6.13 -12.45
C ILE A 375 -2.95 5.22 -12.72
N VAL A 376 -3.19 4.17 -13.46
CA VAL A 376 -2.16 3.20 -13.78
C VAL A 376 -1.68 3.46 -15.17
N THR A 377 -0.37 3.56 -15.37
CA THR A 377 0.17 3.85 -16.70
C THR A 377 1.11 2.77 -17.21
N SER A 378 1.12 2.60 -18.52
CA SER A 378 2.05 1.70 -19.18
C SER A 378 3.33 2.46 -19.59
N SER A 379 3.25 3.81 -19.70
CA SER A 379 4.34 4.70 -20.10
C SER A 379 4.96 4.27 -21.42
N SER A 380 4.15 3.72 -22.33
CA SER A 380 4.59 3.20 -23.63
C SER A 380 5.30 4.25 -24.49
N ASP A 381 4.97 5.53 -24.28
CA ASP A 381 5.57 6.64 -24.99
C ASP A 381 6.97 7.00 -24.48
N VAL A 382 7.33 6.61 -23.26
CA VAL A 382 8.63 7.00 -22.68
C VAL A 382 9.56 5.86 -22.29
N VAL A 383 9.17 4.60 -22.55
CA VAL A 383 10.05 3.49 -22.17
C VAL A 383 10.74 2.86 -23.36
N ASP A 384 11.96 2.35 -23.12
CA ASP A 384 12.73 1.60 -24.08
C ASP A 384 12.24 0.13 -24.10
N GLU A 385 12.74 -0.70 -25.04
CA GLU A 385 12.28 -2.08 -25.15
C GLU A 385 12.63 -2.94 -23.94
N GLN A 386 13.73 -2.63 -23.22
CA GLN A 386 14.08 -3.37 -22.00
C GLN A 386 13.06 -3.19 -20.86
N ASN A 387 12.21 -2.13 -20.93
CA ASN A 387 11.21 -1.80 -19.93
C ASN A 387 9.80 -1.67 -20.52
N ARG A 388 9.54 -2.35 -21.63
CA ARG A 388 8.23 -2.32 -22.29
C ARG A 388 7.21 -3.15 -21.52
N VAL A 389 6.03 -2.60 -21.24
CA VAL A 389 4.97 -3.35 -20.55
C VAL A 389 4.31 -4.36 -21.50
N LEU A 390 4.49 -5.65 -21.21
CA LEU A 390 3.93 -6.70 -22.06
C LEU A 390 2.44 -6.93 -21.77
N GLU A 391 1.69 -7.44 -22.76
CA GLU A 391 0.26 -7.68 -22.60
C GLU A 391 -0.11 -8.47 -21.35
N ASN A 392 0.57 -9.60 -21.13
CA ASN A 392 0.32 -10.48 -19.99
C ASN A 392 0.56 -9.78 -18.67
N GLU A 393 1.54 -8.86 -18.63
CA GLU A 393 1.89 -8.09 -17.44
C GLU A 393 0.82 -7.05 -17.15
N ARG A 394 0.31 -6.38 -18.18
CA ARG A 394 -0.73 -5.37 -17.97
C ARG A 394 -2.01 -6.03 -17.44
N ARG A 395 -2.39 -7.16 -18.03
CA ARG A 395 -3.59 -7.87 -17.63
C ARG A 395 -3.45 -8.45 -16.22
N ALA A 396 -2.24 -8.87 -15.82
CA ALA A 396 -2.02 -9.39 -14.48
C ALA A 396 -2.18 -8.25 -13.46
N PHE A 397 -1.60 -7.08 -13.75
CA PHE A 397 -1.63 -5.93 -12.87
C PHE A 397 -3.06 -5.45 -12.72
N LEU A 398 -3.74 -5.20 -13.85
CA LEU A 398 -5.10 -4.70 -13.82
C LEU A 398 -6.10 -5.72 -13.30
N GLY A 399 -5.75 -7.01 -13.39
CA GLY A 399 -6.57 -8.09 -12.86
C GLY A 399 -6.76 -7.96 -11.37
N VAL A 400 -5.68 -7.70 -10.66
CA VAL A 400 -5.71 -7.53 -9.22
C VAL A 400 -6.62 -6.34 -8.80
N LEU A 401 -6.52 -5.20 -9.52
CA LEU A 401 -7.34 -4.04 -9.23
C LEU A 401 -8.82 -4.29 -9.53
N ASP A 402 -9.10 -5.14 -10.53
CA ASP A 402 -10.47 -5.50 -10.93
C ASP A 402 -11.04 -6.39 -9.83
N GLU A 403 -10.31 -7.45 -9.45
CA GLU A 403 -10.72 -8.39 -8.44
C GLU A 403 -10.99 -7.70 -7.11
N ARG A 404 -10.14 -6.73 -6.77
CA ARG A 404 -10.27 -6.02 -5.53
C ARG A 404 -11.27 -4.91 -5.54
N GLY A 405 -11.59 -4.30 -6.66
CA GLY A 405 -12.58 -3.23 -6.68
C GLY A 405 -12.04 -1.85 -6.38
N ALA A 406 -10.73 -1.71 -6.46
CA ALA A 406 -10.01 -0.45 -6.38
C ALA A 406 -10.48 0.45 -7.53
N SER A 407 -10.70 1.74 -7.24
CA SER A 407 -11.11 2.69 -8.26
C SER A 407 -9.86 3.11 -9.05
N TYR A 408 -9.80 2.72 -10.34
CA TYR A 408 -8.64 3.02 -11.15
C TYR A 408 -8.97 3.34 -12.61
N ILE A 409 -8.01 3.91 -13.33
CA ILE A 409 -8.13 4.11 -14.76
C ILE A 409 -6.78 3.77 -15.38
N HIS A 410 -6.77 2.95 -16.45
CA HIS A 410 -5.51 2.67 -17.13
C HIS A 410 -5.31 3.69 -18.25
N VAL A 411 -4.15 4.32 -18.27
CA VAL A 411 -3.78 5.30 -19.27
C VAL A 411 -2.46 4.85 -19.90
N GLU A 412 -2.50 4.42 -21.15
CA GLU A 412 -1.33 3.91 -21.88
C GLU A 412 -0.07 4.81 -21.87
N LYS A 413 -0.21 6.11 -22.19
CA LYS A 413 0.94 7.00 -22.23
C LYS A 413 1.16 7.72 -20.90
N LEU A 414 2.42 7.87 -20.48
CA LEU A 414 2.78 8.57 -19.27
C LEU A 414 2.43 10.05 -19.40
N ARG A 415 2.69 10.65 -20.58
CA ARG A 415 2.37 12.06 -20.80
C ARG A 415 0.87 12.34 -20.71
N ASP A 416 0.03 11.38 -21.15
CA ASP A 416 -1.42 11.54 -21.06
C ASP A 416 -1.82 11.51 -19.57
N ALA A 417 -1.28 10.54 -18.81
CA ALA A 417 -1.55 10.37 -17.38
C ALA A 417 -1.13 11.57 -16.54
N LEU A 418 0.03 12.16 -16.82
CA LEU A 418 0.51 13.32 -16.07
C LEU A 418 -0.31 14.58 -16.37
N ARG A 419 -0.76 14.72 -17.63
CA ARG A 419 -1.60 15.84 -18.02
C ARG A 419 -2.96 15.68 -17.32
N MET A 420 -3.51 14.47 -17.34
CA MET A 420 -4.78 14.12 -16.73
C MET A 420 -4.81 14.44 -15.23
N VAL A 421 -3.78 14.05 -14.50
CA VAL A 421 -3.76 14.24 -13.06
C VAL A 421 -3.58 15.71 -12.67
N LEU A 422 -2.79 16.47 -13.44
CA LEU A 422 -2.55 17.87 -13.14
C LEU A 422 -3.80 18.73 -13.35
N ASP A 423 -4.62 18.38 -14.36
CA ASP A 423 -5.85 19.11 -14.63
C ASP A 423 -6.87 18.80 -13.54
N ALA A 424 -7.09 17.51 -13.24
CA ALA A 424 -8.05 17.05 -12.25
C ALA A 424 -7.82 17.50 -10.82
N ALA A 425 -6.55 17.54 -10.38
CA ALA A 425 -6.24 17.93 -9.01
C ALA A 425 -6.52 19.41 -8.70
N LYS A 426 -6.76 19.70 -7.41
CA LYS A 426 -6.97 21.02 -6.82
C LYS A 426 -5.73 21.34 -5.97
N PRO A 427 -5.47 22.61 -5.61
CA PRO A 427 -4.24 22.93 -4.85
C PRO A 427 -4.01 22.19 -3.51
N HIS A 428 -5.06 21.84 -2.78
CA HIS A 428 -4.92 21.11 -1.51
C HIS A 428 -4.71 19.58 -1.69
N ASP A 429 -4.86 19.09 -2.94
CA ASP A 429 -4.66 17.69 -3.27
C ASP A 429 -3.16 17.32 -3.32
N THR A 430 -2.84 16.04 -3.20
CA THR A 430 -1.47 15.53 -3.26
C THR A 430 -1.35 14.53 -4.39
N ILE A 431 -0.41 14.71 -5.30
CA ILE A 431 -0.18 13.78 -6.39
C ILE A 431 1.08 13.00 -6.07
N LEU A 432 0.96 11.67 -5.99
CA LEU A 432 2.06 10.79 -5.68
C LEU A 432 2.38 9.98 -6.93
N LEU A 433 3.57 10.16 -7.50
CA LEU A 433 4.03 9.46 -8.70
C LEU A 433 4.95 8.30 -8.30
N LEU A 434 4.53 7.09 -8.62
CA LEU A 434 5.31 5.91 -8.27
C LEU A 434 5.80 5.14 -9.48
N GLY A 435 6.89 4.42 -9.29
CA GLY A 435 7.40 3.56 -10.32
C GLY A 435 8.90 3.49 -10.39
N ALA A 436 9.39 2.75 -11.36
CA ALA A 436 10.82 2.63 -11.60
C ALA A 436 11.15 3.36 -12.99
N GLN A 437 11.78 2.72 -14.02
CA GLN A 437 12.09 3.29 -15.32
C GLN A 437 10.86 3.91 -16.00
N GLY A 438 9.69 3.31 -15.79
CA GLY A 438 8.44 3.79 -16.36
C GLY A 438 7.97 5.12 -15.80
N MET A 439 8.46 5.49 -14.62
CA MET A 439 8.12 6.77 -14.00
C MET A 439 9.34 7.72 -13.92
N ASP A 440 10.54 7.27 -14.31
CA ASP A 440 11.73 8.12 -14.31
C ASP A 440 11.52 9.44 -15.10
N PRO A 441 11.03 9.43 -16.37
CA PRO A 441 10.89 10.69 -17.09
C PRO A 441 9.74 11.61 -16.69
N ALA A 442 9.07 11.35 -15.56
CA ALA A 442 7.95 12.20 -15.15
C ALA A 442 8.38 13.58 -14.72
N ALA A 443 9.51 13.69 -14.01
CA ALA A 443 10.02 15.01 -13.60
C ALA A 443 10.25 15.94 -14.81
N GLY A 444 10.83 15.39 -15.87
CA GLY A 444 11.11 16.09 -17.10
C GLY A 444 9.88 16.52 -17.88
N ILE A 445 8.82 15.69 -17.90
CA ILE A 445 7.56 15.98 -18.58
C ILE A 445 6.79 17.08 -17.84
N ILE A 446 6.82 17.04 -16.51
CA ILE A 446 6.15 18.06 -15.69
C ILE A 446 6.68 19.47 -15.99
N ASP A 447 7.96 19.57 -16.32
CA ASP A 447 8.56 20.84 -16.68
C ASP A 447 8.04 21.34 -18.04
N GLU A 448 7.88 20.44 -19.00
CA GLU A 448 7.36 20.79 -20.31
C GLU A 448 5.88 21.20 -20.22
N ILE A 449 5.11 20.59 -19.29
CA ILE A 449 3.69 20.90 -19.10
C ILE A 449 3.48 22.22 -18.34
N ARG A 450 4.25 22.44 -17.28
CA ARG A 450 4.16 23.67 -16.49
C ARG A 450 4.78 24.90 -17.23
N SER B 2 -32.84 18.35 17.88
CA SER B 2 -31.48 17.90 17.56
C SER B 2 -30.56 17.81 18.81
N ILE B 3 -30.17 16.56 19.22
CA ILE B 3 -29.28 16.29 20.38
C ILE B 3 -27.85 16.79 20.02
N SER B 4 -27.34 17.74 20.80
CA SER B 4 -26.17 18.55 20.47
C SER B 4 -24.94 18.34 21.35
N GLY B 5 -23.80 18.87 20.90
CA GLY B 5 -22.55 18.73 21.66
C GLY B 5 -21.97 17.34 21.51
N ILE B 6 -22.03 16.79 20.28
CA ILE B 6 -21.60 15.45 19.91
C ILE B 6 -20.22 15.46 19.25
N PHE B 7 -19.46 14.35 19.39
CA PHE B 7 -18.14 14.22 18.78
C PHE B 7 -18.29 13.95 17.31
N THR B 8 -17.68 14.78 16.46
CA THR B 8 -17.78 14.63 15.02
C THR B 8 -16.41 14.83 14.32
N THR B 9 -16.35 14.52 13.02
CA THR B 9 -15.19 14.79 12.20
C THR B 9 -15.29 16.29 11.85
N LEU B 10 -14.17 16.89 11.42
CA LEU B 10 -14.17 18.31 11.06
C LEU B 10 -15.20 18.64 9.97
N GLY B 11 -15.30 17.76 8.98
CA GLY B 11 -16.23 17.92 7.87
C GLY B 11 -17.71 17.85 8.24
N ALA B 12 -18.05 17.11 9.28
CA ALA B 12 -19.45 16.99 9.70
C ALA B 12 -19.83 17.88 10.90
N ALA B 13 -18.88 18.68 11.39
CA ALA B 13 -19.11 19.53 12.55
C ALA B 13 -20.14 20.65 12.34
N GLU B 14 -20.90 20.88 13.40
CA GLU B 14 -21.92 21.91 13.51
C GLU B 14 -21.69 22.66 14.83
N ALA B 15 -22.45 23.73 15.11
CA ALA B 15 -22.27 24.51 16.32
C ALA B 15 -22.42 23.66 17.60
N GLY B 16 -21.46 23.79 18.50
CA GLY B 16 -21.47 23.04 19.75
C GLY B 16 -20.79 21.68 19.69
N ASP B 17 -20.43 21.21 18.49
CA ASP B 17 -19.83 19.91 18.32
C ASP B 17 -18.34 19.89 18.73
N ILE B 18 -17.81 18.69 19.04
CA ILE B 18 -16.43 18.54 19.48
C ILE B 18 -15.70 17.79 18.39
N VAL B 19 -14.76 18.45 17.70
CA VAL B 19 -14.01 17.81 16.64
C VAL B 19 -12.82 17.02 17.19
N ILE B 20 -12.72 15.73 16.82
CA ILE B 20 -11.56 14.93 17.17
C ILE B 20 -10.81 14.68 15.88
N ARG B 21 -9.52 15.00 15.83
CA ARG B 21 -8.74 14.83 14.60
C ARG B 21 -7.29 14.54 14.93
N HIS B 22 -6.66 13.52 14.31
CA HIS B 22 -5.24 13.18 14.53
C HIS B 22 -4.31 14.43 14.53
N TRP B 23 -4.48 15.32 13.55
CA TRP B 23 -3.70 16.56 13.49
C TRP B 23 -4.55 17.65 12.90
N ILE B 24 -4.24 18.90 13.22
CA ILE B 24 -4.97 20.03 12.68
C ILE B 24 -4.02 21.15 12.30
N ASP B 25 -4.37 21.91 11.27
CA ASP B 25 -3.53 23.01 10.78
C ASP B 25 -4.26 24.37 10.93
N GLU B 26 -3.64 25.48 10.51
CA GLU B 26 -4.26 26.79 10.61
C GLU B 26 -5.59 26.86 9.87
N LYS B 27 -5.70 26.22 8.70
CA LYS B 27 -6.95 26.20 7.94
C LYS B 27 -8.05 25.39 8.65
N GLY B 28 -7.65 24.33 9.35
CA GLY B 28 -8.57 23.52 10.12
C GLY B 28 -9.18 24.33 11.25
N ILE B 29 -8.36 25.13 11.94
CA ILE B 29 -8.86 25.97 13.03
C ILE B 29 -9.84 27.04 12.51
N GLU B 30 -9.61 27.55 11.30
CA GLU B 30 -10.51 28.53 10.71
C GLU B 30 -11.87 27.95 10.41
N ILE B 31 -11.91 26.77 9.74
CA ILE B 31 -13.13 26.05 9.44
C ILE B 31 -13.88 25.73 10.74
N ALA B 32 -13.16 25.33 11.78
CA ALA B 32 -13.77 24.98 13.05
C ALA B 32 -14.47 26.17 13.73
N SER B 33 -13.82 27.34 13.80
CA SER B 33 -14.46 28.51 14.39
C SER B 33 -15.56 29.07 13.50
N GLU B 34 -15.46 28.87 12.17
CA GLU B 34 -16.53 29.29 11.25
C GLU B 34 -17.80 28.47 11.58
N ARG B 35 -17.65 27.17 11.89
CA ARG B 35 -18.76 26.30 12.23
C ARG B 35 -19.18 26.37 13.71
N GLY B 36 -18.41 27.05 14.54
CA GLY B 36 -18.74 27.20 15.94
C GLY B 36 -18.56 25.95 16.77
N VAL B 37 -17.50 25.18 16.50
CA VAL B 37 -17.24 23.96 17.27
C VAL B 37 -16.82 24.36 18.66
N SER B 38 -17.30 23.66 19.67
CA SER B 38 -16.99 23.96 21.06
C SER B 38 -15.54 23.72 21.40
N ALA B 39 -14.98 22.57 21.02
CA ALA B 39 -13.60 22.21 21.35
C ALA B 39 -12.99 21.29 20.29
N ILE B 40 -11.65 21.20 20.28
CA ILE B 40 -10.93 20.34 19.36
C ILE B 40 -10.02 19.42 20.13
N ILE B 41 -10.11 18.11 19.89
CA ILE B 41 -9.20 17.15 20.50
C ILE B 41 -8.31 16.67 19.39
N THR B 42 -7.01 16.87 19.54
CA THR B 42 -6.02 16.52 18.53
C THR B 42 -4.76 15.97 19.17
N GLN B 43 -3.94 15.34 18.38
CA GLN B 43 -2.64 14.85 18.82
C GLN B 43 -1.53 15.84 18.39
N ASP B 44 -1.78 16.70 17.38
CA ASP B 44 -0.78 17.57 16.80
C ASP B 44 -1.35 18.89 16.24
N LEU B 45 -0.91 20.03 16.80
CA LEU B 45 -1.30 21.33 16.27
C LEU B 45 -0.17 21.73 15.32
N ARG B 46 -0.47 21.76 14.05
CA ARG B 46 0.49 22.05 13.02
C ARG B 46 0.44 23.50 12.60
N GLY B 47 1.59 24.04 12.20
CA GLY B 47 1.73 25.43 11.82
C GLY B 47 1.60 26.33 13.02
N LYS B 48 1.13 27.56 12.78
CA LYS B 48 0.88 28.52 13.86
C LYS B 48 -0.62 28.43 14.23
N SER B 49 -1.11 27.18 14.36
CA SER B 49 -2.51 26.91 14.69
C SER B 49 -2.75 26.94 16.19
N SER B 50 -1.74 26.65 17.01
CA SER B 50 -1.88 26.67 18.47
C SER B 50 -2.22 28.09 18.94
N ARG B 51 -1.56 29.09 18.33
CA ARG B 51 -1.74 30.50 18.61
C ARG B 51 -3.06 30.99 17.99
N LEU B 52 -3.35 30.58 16.78
CA LEU B 52 -4.57 30.99 16.10
C LEU B 52 -5.83 30.53 16.86
N ALA B 53 -5.80 29.33 17.47
CA ALA B 53 -6.92 28.83 18.27
C ALA B 53 -7.13 29.67 19.55
N GLU B 54 -6.04 30.17 20.13
CA GLU B 54 -6.01 31.04 21.29
C GLU B 54 -6.72 32.37 20.92
N GLU B 55 -6.41 32.92 19.73
CA GLU B 55 -7.00 34.16 19.21
C GLU B 55 -8.51 33.99 18.96
N HIS B 56 -8.92 32.81 18.44
CA HIS B 56 -10.33 32.53 18.19
C HIS B 56 -11.13 32.06 19.43
N GLY B 57 -10.44 31.87 20.55
CA GLY B 57 -11.06 31.40 21.81
C GLY B 57 -11.58 29.98 21.76
N LEU B 58 -11.02 29.17 20.88
CA LEU B 58 -11.39 27.79 20.66
C LEU B 58 -10.52 26.85 21.51
N PRO B 59 -11.09 26.21 22.57
CA PRO B 59 -10.27 25.29 23.37
C PRO B 59 -9.74 24.08 22.58
N VAL B 60 -8.48 23.72 22.85
CA VAL B 60 -7.83 22.61 22.17
C VAL B 60 -7.20 21.68 23.20
N ILE B 61 -7.51 20.40 23.15
CA ILE B 61 -6.93 19.42 24.06
C ILE B 61 -5.91 18.61 23.31
N LEU B 62 -4.63 18.66 23.69
CA LEU B 62 -3.62 17.85 23.02
C LEU B 62 -3.49 16.54 23.73
N VAL B 63 -3.58 15.43 23.00
CA VAL B 63 -3.52 14.07 23.57
C VAL B 63 -2.32 13.32 23.00
N ASP B 64 -1.81 12.31 23.71
CA ASP B 64 -0.66 11.53 23.22
C ASP B 64 -1.04 10.61 22.09
N ARG B 65 -2.24 9.98 22.20
CA ARG B 65 -2.83 9.02 21.27
C ARG B 65 -4.32 9.27 20.99
N ILE B 66 -4.63 9.72 19.75
CA ILE B 66 -5.98 10.02 19.31
C ILE B 66 -6.91 8.81 19.39
N GLU B 67 -6.41 7.58 19.22
CA GLU B 67 -7.22 6.36 19.32
C GLU B 67 -7.82 6.21 20.70
N ASN B 68 -7.06 6.58 21.73
CA ASN B 68 -7.54 6.50 23.11
C ASN B 68 -8.64 7.56 23.34
N ALA B 69 -8.49 8.75 22.74
CA ALA B 69 -9.49 9.82 22.83
C ALA B 69 -10.77 9.37 22.12
N ASN B 70 -10.62 8.74 20.94
CA ASN B 70 -11.76 8.23 20.19
C ASN B 70 -12.45 7.09 20.89
N ALA B 71 -11.71 6.23 21.57
CA ALA B 71 -12.29 5.11 22.30
C ALA B 71 -13.14 5.63 23.45
N LEU B 72 -12.64 6.65 24.17
CA LEU B 72 -13.38 7.30 25.25
C LEU B 72 -14.65 7.94 24.70
N ALA B 73 -14.54 8.64 23.57
CA ALA B 73 -15.68 9.30 22.95
C ALA B 73 -16.76 8.27 22.55
N LEU B 74 -16.31 7.12 22.00
CA LEU B 74 -17.19 6.05 21.57
C LEU B 74 -18.01 5.53 22.74
N SER B 75 -17.37 5.18 23.90
CA SER B 75 -18.12 4.69 25.07
C SER B 75 -19.13 5.73 25.52
N TRP B 76 -18.69 6.99 25.61
CA TRP B 76 -19.48 8.12 26.02
C TRP B 76 -20.74 8.27 25.15
N THR B 77 -20.59 8.17 23.82
CA THR B 77 -21.65 8.31 22.84
C THR B 77 -22.69 7.18 22.96
N ILE B 78 -22.22 5.96 23.21
CA ILE B 78 -23.11 4.82 23.35
C ILE B 78 -23.91 4.97 24.62
N GLU B 79 -23.24 5.29 25.74
CA GLU B 79 -23.96 5.50 27.00
C GLU B 79 -24.92 6.68 26.95
N ARG B 80 -24.56 7.73 26.22
CA ARG B 80 -25.41 8.90 26.08
C ARG B 80 -26.60 8.68 25.13
N PHE B 81 -26.44 7.90 24.05
CA PHE B 81 -27.49 7.78 23.02
C PHE B 81 -28.19 6.42 22.85
N ALA B 82 -27.55 5.31 23.17
CA ALA B 82 -28.16 3.99 22.97
C ALA B 82 -27.64 2.96 23.99
N PRO B 83 -27.74 3.26 25.29
CA PRO B 83 -27.18 2.31 26.29
C PRO B 83 -27.91 0.98 26.40
N SER B 84 -29.17 0.93 25.94
CA SER B 84 -29.96 -0.31 26.02
C SER B 84 -29.83 -1.21 24.78
N SER B 85 -29.19 -0.70 23.70
CA SER B 85 -29.05 -1.44 22.48
C SER B 85 -28.15 -2.66 22.69
N ARG B 86 -28.43 -3.75 21.98
CA ARG B 86 -27.65 -4.99 22.03
C ARG B 86 -26.61 -4.89 20.93
N ARG B 87 -25.34 -5.04 21.28
CA ARG B 87 -24.27 -4.84 20.32
C ARG B 87 -23.50 -6.10 20.01
N VAL B 88 -23.00 -6.18 18.75
CA VAL B 88 -22.20 -7.27 18.19
C VAL B 88 -20.98 -6.63 17.54
N VAL B 89 -19.80 -7.15 17.86
CA VAL B 89 -18.56 -6.69 17.26
C VAL B 89 -18.05 -7.83 16.34
N VAL B 90 -17.66 -7.49 15.11
CA VAL B 90 -17.14 -8.48 14.19
C VAL B 90 -15.69 -8.13 13.87
N THR B 91 -14.78 -9.08 14.09
CA THR B 91 -13.37 -8.86 13.78
C THR B 91 -12.76 -10.14 13.17
N GLY B 92 -11.56 -10.01 12.65
CA GLY B 92 -10.80 -11.00 11.92
C GLY B 92 -10.06 -10.28 10.81
N THR B 93 -9.39 -11.00 9.92
CA THR B 93 -8.66 -10.34 8.83
C THR B 93 -9.50 -10.28 7.53
N ASN B 94 -10.29 -11.33 7.25
CA ASN B 94 -11.09 -11.36 6.02
C ASN B 94 -12.58 -11.67 6.32
N GLY B 95 -13.47 -11.25 5.43
CA GLY B 95 -14.92 -11.45 5.56
C GLY B 95 -15.63 -10.72 6.68
N LYS B 96 -15.00 -9.70 7.34
CA LYS B 96 -15.67 -8.93 8.39
C LYS B 96 -16.85 -8.17 7.81
N SER B 97 -16.66 -7.47 6.69
CA SER B 97 -17.71 -6.67 6.08
C SER B 97 -18.92 -7.50 5.69
N THR B 98 -18.70 -8.64 5.04
CA THR B 98 -19.79 -9.53 4.64
C THR B 98 -20.52 -10.08 5.87
N THR B 99 -19.79 -10.61 6.86
CA THR B 99 -20.43 -11.11 8.09
C THR B 99 -21.28 -10.01 8.78
N THR B 100 -20.68 -8.86 9.01
CA THR B 100 -21.34 -7.72 9.63
C THR B 100 -22.62 -7.32 8.83
N HIS B 101 -22.46 -7.16 7.50
CA HIS B 101 -23.55 -6.74 6.65
C HIS B 101 -24.69 -7.73 6.64
N MET B 102 -24.37 -9.02 6.67
CA MET B 102 -25.37 -10.06 6.71
C MET B 102 -26.11 -10.03 8.08
N ILE B 103 -25.40 -9.87 9.22
CA ILE B 103 -26.06 -9.79 10.54
C ILE B 103 -27.00 -8.59 10.58
N HIS B 104 -26.51 -7.42 10.14
CA HIS B 104 -27.33 -6.21 10.05
C HIS B 104 -28.60 -6.46 9.20
N HIS B 105 -28.44 -7.13 8.05
CA HIS B 105 -29.53 -7.47 7.16
C HIS B 105 -30.53 -8.45 7.80
N ILE B 106 -30.06 -9.53 8.44
CA ILE B 106 -30.97 -10.49 9.07
C ILE B 106 -31.85 -9.82 10.13
N ILE B 107 -31.28 -8.89 10.92
CA ILE B 107 -31.98 -8.09 11.92
C ILE B 107 -32.99 -7.11 11.27
N GLU B 108 -32.59 -6.37 10.22
CA GLU B 108 -33.48 -5.43 9.53
C GLU B 108 -34.65 -6.11 8.79
N THR B 109 -34.46 -7.33 8.24
CA THR B 109 -35.58 -8.02 7.57
C THR B 109 -36.66 -8.45 8.60
N THR B 110 -36.24 -8.71 9.87
CA THR B 110 -37.09 -9.04 11.01
C THR B 110 -38.02 -7.87 11.42
N GLY B 111 -37.78 -6.66 10.91
CA GLY B 111 -38.55 -5.49 11.32
C GLY B 111 -37.79 -4.67 12.35
N ALA B 112 -36.82 -5.29 13.09
CA ALA B 112 -35.99 -4.62 14.09
C ALA B 112 -35.06 -3.51 13.51
N SER B 113 -34.68 -2.56 14.35
CA SER B 113 -33.81 -1.45 13.98
C SER B 113 -32.36 -1.79 14.31
N SER B 114 -31.45 -1.41 13.42
CA SER B 114 -30.05 -1.75 13.59
C SER B 114 -29.12 -0.70 12.97
N TYR B 115 -27.96 -0.47 13.61
CA TYR B 115 -26.96 0.42 13.06
C TYR B 115 -25.76 -0.44 12.65
N THR B 116 -25.15 -0.12 11.50
CA THR B 116 -23.93 -0.77 11.12
C THR B 116 -22.98 0.24 10.50
N ASN B 117 -21.67 0.10 10.82
CA ASN B 117 -20.60 0.94 10.29
C ASN B 117 -20.04 0.44 8.95
N THR B 118 -20.46 -0.77 8.52
CA THR B 118 -20.01 -1.43 7.31
C THR B 118 -20.56 -0.71 6.08
N ASP B 119 -19.64 -0.37 5.18
CA ASP B 119 -19.97 0.43 4.03
C ASP B 119 -19.39 -0.16 2.76
N SER B 120 -20.11 0.04 1.66
CA SER B 120 -19.71 -0.45 0.35
C SER B 120 -18.39 0.14 -0.15
N ARG B 121 -18.11 1.40 0.21
CA ARG B 121 -16.97 2.13 -0.32
C ARG B 121 -15.95 2.59 0.70
N SER B 122 -16.39 2.98 1.90
CA SER B 122 -15.46 3.45 2.91
C SER B 122 -15.16 2.44 4.06
N GLU B 123 -14.16 2.76 4.88
CA GLU B 123 -13.69 1.95 5.98
C GLU B 123 -13.85 2.75 7.27
N PHE B 124 -14.90 2.48 8.04
CA PHE B 124 -15.07 3.17 9.32
C PHE B 124 -14.98 2.12 10.41
N ASN B 125 -13.90 1.38 10.42
CA ASN B 125 -13.70 0.27 11.34
C ASN B 125 -12.55 0.45 12.33
N THR B 126 -12.08 1.70 12.55
CA THR B 126 -10.95 1.99 13.44
C THR B 126 -11.23 3.18 14.37
N LEU B 127 -10.39 3.36 15.39
CA LEU B 127 -10.52 4.49 16.30
C LEU B 127 -9.61 5.65 15.92
N ILE B 128 -9.10 5.71 14.68
CA ILE B 128 -8.27 6.83 14.28
C ILE B 128 -9.10 8.07 13.97
N ASP B 129 -10.44 7.91 13.77
CA ASP B 129 -11.43 8.95 13.46
C ASP B 129 -12.67 8.81 14.35
N PRO B 130 -13.44 9.89 14.64
CA PRO B 130 -14.66 9.71 15.46
C PRO B 130 -15.89 9.32 14.64
N VAL B 131 -15.70 8.86 13.39
CA VAL B 131 -16.78 8.56 12.45
C VAL B 131 -17.84 7.55 13.00
N VAL B 132 -17.45 6.46 13.67
CA VAL B 132 -18.43 5.52 14.22
C VAL B 132 -19.31 6.22 15.27
N SER B 133 -18.70 6.94 16.24
CA SER B 133 -19.50 7.63 17.27
C SER B 133 -20.33 8.80 16.70
N GLN B 134 -19.86 9.42 15.62
CA GLN B 134 -20.61 10.46 14.93
C GLN B 134 -21.85 9.83 14.30
N GLN B 135 -21.69 8.68 13.63
CA GLN B 135 -22.76 7.93 12.99
C GLN B 135 -23.76 7.37 14.00
N ILE B 136 -23.30 6.93 15.18
CA ILE B 136 -24.17 6.41 16.23
C ILE B 136 -25.07 7.53 16.75
N ALA B 137 -24.54 8.75 16.89
CA ALA B 137 -25.36 9.89 17.33
C ALA B 137 -26.41 10.21 16.26
N GLU B 138 -26.00 10.20 14.99
CA GLU B 138 -26.89 10.48 13.87
C GLU B 138 -28.00 9.43 13.75
N ALA B 139 -27.70 8.17 14.06
CA ALA B 139 -28.68 7.10 14.01
C ALA B 139 -29.64 7.19 15.19
N SER B 140 -29.12 7.52 16.38
CA SER B 140 -29.92 7.63 17.60
C SER B 140 -30.68 8.93 17.76
N SER B 141 -30.55 9.87 16.81
CA SER B 141 -31.32 11.11 16.88
C SER B 141 -32.72 10.68 16.43
N ASP B 142 -33.75 11.00 17.22
CA ASP B 142 -35.09 10.53 16.90
C ASP B 142 -35.20 9.01 17.18
N GLY B 143 -34.63 8.57 18.29
CA GLY B 143 -34.73 7.19 18.74
C GLY B 143 -33.52 6.31 18.49
N ALA B 144 -33.09 5.60 19.55
CA ALA B 144 -31.95 4.70 19.49
C ALA B 144 -32.29 3.39 18.80
N PRO B 145 -31.33 2.75 18.08
CA PRO B 145 -31.64 1.45 17.46
C PRO B 145 -31.50 0.31 18.46
N GLU B 146 -32.29 -0.76 18.28
CA GLU B 146 -32.25 -1.89 19.18
C GLU B 146 -30.95 -2.65 19.09
N PHE B 147 -30.35 -2.69 17.89
CA PHE B 147 -29.12 -3.43 17.66
C PHE B 147 -28.03 -2.61 17.03
N MET B 148 -26.79 -3.01 17.27
CA MET B 148 -25.63 -2.41 16.65
C MET B 148 -24.73 -3.54 16.14
N VAL B 149 -24.30 -3.46 14.88
CA VAL B 149 -23.41 -4.47 14.31
C VAL B 149 -22.17 -3.72 13.83
N ILE B 150 -21.03 -3.88 14.53
CA ILE B 150 -19.86 -3.11 14.25
C ILE B 150 -18.63 -3.93 13.91
N GLU B 151 -18.06 -3.66 12.74
CA GLU B 151 -16.84 -4.22 12.21
C GLU B 151 -15.65 -3.48 12.86
N VAL B 152 -14.71 -4.23 13.46
CA VAL B 152 -13.53 -3.68 14.14
C VAL B 152 -12.29 -4.20 13.39
N SER B 153 -11.43 -3.32 12.88
CA SER B 153 -10.27 -3.73 12.10
C SER B 153 -8.92 -3.26 12.68
N GLU B 154 -7.81 -3.82 12.20
CA GLU B 154 -6.48 -3.45 12.68
C GLU B 154 -6.05 -2.06 12.17
N VAL B 155 -5.10 -1.46 12.86
CA VAL B 155 -4.53 -0.20 12.44
C VAL B 155 -3.02 -0.43 12.16
N GLN B 156 -2.56 -0.05 10.99
CA GLN B 156 -1.15 -0.19 10.64
C GLN B 156 -0.58 1.20 10.74
N GLY B 157 0.37 1.38 11.65
CA GLY B 157 0.97 2.67 11.88
C GLY B 157 2.36 2.78 11.32
N TRP B 158 3.27 3.34 12.11
CA TRP B 158 4.68 3.58 11.77
C TRP B 158 5.36 2.29 11.30
N LEU B 159 5.98 2.38 10.11
CA LEU B 159 6.64 1.29 9.37
C LEU B 159 5.75 0.09 9.08
N GLY B 160 4.43 0.28 9.20
CA GLY B 160 3.42 -0.73 8.96
C GLY B 160 3.04 -1.54 10.18
N ARG B 161 3.71 -1.29 11.32
CA ARG B 161 3.47 -2.07 12.52
C ARG B 161 2.01 -1.95 13.00
N VAL B 162 1.38 -3.09 13.32
CA VAL B 162 0.01 -3.11 13.79
C VAL B 162 0.00 -2.56 15.17
N MET B 163 -0.81 -1.55 15.37
CA MET B 163 -0.98 -0.88 16.64
C MET B 163 -1.48 -1.87 17.67
N ARG B 164 -0.76 -2.00 18.79
CA ARG B 164 -1.10 -2.98 19.80
C ARG B 164 -2.29 -2.61 20.62
N ASP B 165 -3.21 -3.58 20.70
CA ASP B 165 -4.49 -3.65 21.40
C ASP B 165 -5.58 -2.66 20.89
N HIS B 166 -5.56 -2.32 19.59
CA HIS B 166 -6.59 -1.49 18.99
C HIS B 166 -7.91 -2.23 19.02
N ALA B 167 -7.92 -3.53 18.67
CA ALA B 167 -9.16 -4.30 18.66
C ALA B 167 -9.75 -4.42 20.06
N ARG B 168 -8.90 -4.67 21.07
CA ARG B 168 -9.35 -4.74 22.46
C ARG B 168 -9.94 -3.39 22.88
N MET B 169 -9.23 -2.30 22.58
CA MET B 169 -9.68 -0.96 22.88
C MET B 169 -11.02 -0.63 22.23
N MET B 170 -11.18 -0.90 20.93
CA MET B 170 -12.43 -0.58 20.24
C MET B 170 -13.57 -1.47 20.71
N THR B 171 -13.31 -2.76 20.94
CA THR B 171 -14.34 -3.67 21.41
C THR B 171 -14.82 -3.26 22.80
N ALA B 172 -13.89 -2.99 23.74
CA ALA B 172 -14.26 -2.59 25.11
C ALA B 172 -15.06 -1.30 25.15
N ALA B 173 -14.83 -0.40 24.19
CA ALA B 173 -15.55 0.85 24.10
C ALA B 173 -16.99 0.59 23.70
N ILE B 174 -17.21 -0.36 22.79
CA ILE B 174 -18.53 -0.73 22.32
C ILE B 174 -19.25 -1.55 23.41
N GLY B 175 -18.55 -2.53 23.96
CA GLY B 175 -19.10 -3.40 24.98
C GLY B 175 -20.22 -4.24 24.40
N PRO B 176 -19.89 -5.14 23.46
CA PRO B 176 -20.94 -5.95 22.86
C PRO B 176 -21.28 -7.19 23.70
N GLU B 177 -22.48 -7.76 23.45
CA GLU B 177 -22.83 -9.00 24.10
C GLU B 177 -22.26 -10.20 23.30
N VAL B 178 -22.13 -10.06 21.96
CA VAL B 178 -21.59 -11.10 21.06
C VAL B 178 -20.34 -10.60 20.34
N VAL B 179 -19.29 -11.43 20.23
CA VAL B 179 -18.07 -11.10 19.49
C VAL B 179 -17.80 -12.20 18.43
N VAL B 180 -17.82 -11.85 17.16
CA VAL B 180 -17.64 -12.80 16.06
C VAL B 180 -16.21 -12.71 15.48
N ILE B 181 -15.51 -13.84 15.41
CA ILE B 181 -14.17 -13.88 14.83
C ILE B 181 -14.23 -14.61 13.48
N THR B 182 -13.75 -13.97 12.41
CA THR B 182 -13.81 -14.58 11.09
C THR B 182 -12.52 -15.37 10.78
N ASN B 183 -11.39 -14.71 10.49
CA ASN B 183 -10.17 -15.37 10.08
C ASN B 183 -8.91 -14.69 10.67
N VAL B 184 -7.75 -15.37 10.64
CA VAL B 184 -6.45 -14.81 10.99
C VAL B 184 -5.61 -15.10 9.74
N ALA B 185 -5.29 -14.07 8.93
CA ALA B 185 -4.55 -14.22 7.67
C ALA B 185 -3.65 -12.99 7.37
N MET B 186 -2.59 -13.20 6.53
CA MET B 186 -1.64 -12.13 6.20
C MET B 186 -1.90 -11.44 4.87
N ASP B 187 -3.04 -11.72 4.21
CA ASP B 187 -3.41 -11.19 2.88
C ASP B 187 -3.21 -9.66 2.70
N HIS B 188 -3.26 -8.88 3.79
CA HIS B 188 -3.12 -7.43 3.69
C HIS B 188 -1.95 -6.86 4.52
N ILE B 189 -1.66 -7.44 5.71
CA ILE B 189 -0.55 -7.02 6.59
C ILE B 189 0.83 -7.49 6.01
N GLY B 190 0.98 -8.81 5.84
CA GLY B 190 2.13 -9.44 5.19
C GLY B 190 3.39 -9.87 5.93
N LEU B 191 4.53 -9.40 5.43
CA LEU B 191 5.87 -9.70 5.98
C LEU B 191 6.27 -8.70 7.07
N VAL B 192 5.55 -7.56 7.19
CA VAL B 192 5.79 -6.49 8.17
C VAL B 192 5.59 -7.04 9.59
N GLU B 193 4.46 -7.72 9.83
CA GLU B 193 4.15 -8.31 11.13
C GLU B 193 3.98 -9.84 10.98
N SER B 194 4.06 -10.56 12.10
CA SER B 194 3.97 -12.02 12.07
C SER B 194 2.54 -12.53 12.26
N VAL B 195 2.26 -13.81 11.88
CA VAL B 195 0.92 -14.36 12.09
C VAL B 195 0.56 -14.39 13.60
N GLU B 196 1.58 -14.51 14.46
CA GLU B 196 1.52 -14.52 15.91
C GLU B 196 1.03 -13.17 16.44
N ASP B 197 1.48 -12.07 15.79
CA ASP B 197 1.08 -10.71 16.13
C ASP B 197 -0.40 -10.48 15.74
N VAL B 198 -0.83 -11.03 14.60
CA VAL B 198 -2.23 -10.94 14.18
C VAL B 198 -3.12 -11.74 15.12
N PHE B 199 -2.66 -12.93 15.53
CA PHE B 199 -3.41 -13.76 16.47
C PHE B 199 -3.66 -13.02 17.80
N ARG B 200 -2.62 -12.46 18.44
CA ARG B 200 -2.78 -11.74 19.73
C ARG B 200 -3.67 -10.50 19.61
N GLU B 201 -3.58 -9.82 18.47
CA GLU B 201 -4.42 -8.65 18.21
C GLU B 201 -5.90 -9.03 18.08
N VAL B 202 -6.19 -10.04 17.23
CA VAL B 202 -7.55 -10.54 17.02
C VAL B 202 -8.13 -11.12 18.30
N ALA B 203 -7.29 -11.81 19.08
CA ALA B 203 -7.66 -12.39 20.37
C ALA B 203 -7.97 -11.32 21.44
N GLY B 204 -7.36 -10.15 21.31
CA GLY B 204 -7.58 -9.02 22.18
C GLY B 204 -9.04 -8.60 22.25
N ALA B 205 -9.79 -8.77 21.15
CA ALA B 205 -11.22 -8.45 21.16
C ALA B 205 -12.00 -9.33 22.16
N LEU B 206 -11.53 -10.54 22.44
CA LEU B 206 -12.18 -11.43 23.39
C LEU B 206 -11.82 -11.04 24.83
N ARG B 207 -10.59 -10.54 25.05
CA ARG B 207 -10.15 -10.06 26.36
C ARG B 207 -10.85 -8.73 26.75
N ALA B 208 -11.52 -8.06 25.81
CA ALA B 208 -12.17 -6.78 26.02
C ALA B 208 -13.43 -6.84 26.84
N ILE B 209 -14.06 -8.00 26.99
CA ILE B 209 -15.29 -8.10 27.76
C ILE B 209 -15.22 -9.20 28.81
N GLU B 210 -15.81 -8.95 30.00
CA GLU B 210 -15.80 -9.90 31.12
C GLU B 210 -16.73 -11.09 30.85
N SER B 211 -17.86 -10.83 30.18
CA SER B 211 -18.85 -11.85 29.90
C SER B 211 -19.57 -11.61 28.57
N GLY B 212 -20.06 -12.71 27.95
CA GLY B 212 -20.78 -12.68 26.69
C GLY B 212 -20.52 -13.91 25.84
N VAL B 213 -20.91 -13.88 24.56
CA VAL B 213 -20.73 -15.04 23.69
C VAL B 213 -19.67 -14.81 22.62
N ALA B 214 -18.75 -15.77 22.46
CA ALA B 214 -17.70 -15.73 21.45
C ALA B 214 -18.05 -16.66 20.29
N VAL B 215 -18.44 -16.10 19.12
CA VAL B 215 -18.77 -16.87 17.92
C VAL B 215 -17.49 -17.13 17.10
N LEU B 216 -16.91 -18.32 17.24
CA LEU B 216 -15.66 -18.66 16.57
C LEU B 216 -15.83 -19.62 15.40
N ASN B 217 -14.90 -19.54 14.44
CA ASN B 217 -14.80 -20.33 13.22
C ASN B 217 -14.11 -21.66 13.48
N ALA B 218 -14.82 -22.78 13.34
CA ALA B 218 -14.16 -24.08 13.53
C ALA B 218 -13.20 -24.46 12.36
N ASP B 219 -13.23 -23.70 11.24
CA ASP B 219 -12.40 -23.97 10.05
C ASP B 219 -11.03 -23.23 9.99
N ASP B 220 -10.70 -22.42 10.99
CA ASP B 220 -9.39 -21.76 11.06
C ASP B 220 -8.73 -22.34 12.33
N GLU B 221 -7.50 -22.88 12.21
CA GLU B 221 -6.87 -23.49 13.39
C GLU B 221 -6.60 -22.47 14.50
N ARG B 222 -6.20 -21.25 14.12
CA ARG B 222 -5.95 -20.18 15.07
C ARG B 222 -7.23 -19.61 15.71
N VAL B 223 -8.31 -19.44 14.93
CA VAL B 223 -9.58 -18.92 15.47
C VAL B 223 -10.23 -19.92 16.44
N ARG B 224 -10.06 -21.22 16.19
CA ARG B 224 -10.54 -22.30 17.05
C ARG B 224 -9.75 -22.26 18.38
N ALA B 225 -8.44 -21.97 18.31
CA ALA B 225 -7.55 -21.85 19.47
C ALA B 225 -7.94 -20.71 20.43
N MET B 226 -8.77 -19.77 19.97
CA MET B 226 -9.20 -18.64 20.79
C MET B 226 -10.29 -18.97 21.81
N ALA B 227 -10.71 -20.24 21.90
CA ALA B 227 -11.74 -20.62 22.87
C ALA B 227 -11.24 -20.46 24.31
N HIS B 228 -9.94 -20.66 24.52
CA HIS B 228 -9.36 -20.55 25.86
C HIS B 228 -8.76 -19.18 26.13
N VAL B 229 -9.25 -18.13 25.48
CA VAL B 229 -8.73 -16.79 25.69
C VAL B 229 -9.47 -16.14 26.86
N ASN B 230 -10.80 -16.20 26.83
CA ASN B 230 -11.58 -15.61 27.89
C ASN B 230 -12.56 -16.61 28.44
N PRO B 231 -12.21 -17.23 29.58
CA PRO B 231 -13.10 -18.20 30.20
C PRO B 231 -14.46 -17.64 30.68
N GLY B 232 -14.55 -16.32 30.88
CA GLY B 232 -15.82 -15.70 31.27
C GLY B 232 -16.86 -15.67 30.16
N LEU B 233 -16.45 -16.04 28.93
CA LEU B 233 -17.32 -16.05 27.78
C LEU B 233 -17.76 -17.46 27.42
N SER B 234 -19.04 -17.60 27.05
CA SER B 234 -19.52 -18.87 26.54
C SER B 234 -19.11 -18.90 25.04
N VAL B 235 -18.51 -20.00 24.59
CA VAL B 235 -18.04 -20.13 23.20
C VAL B 235 -19.01 -20.89 22.28
N VAL B 236 -19.32 -20.34 21.09
CA VAL B 236 -20.19 -20.98 20.12
C VAL B 236 -19.39 -21.17 18.85
N PHE B 237 -19.43 -22.37 18.25
CA PHE B 237 -18.72 -22.61 17.00
C PHE B 237 -19.62 -22.65 15.76
N TYR B 238 -19.03 -22.26 14.61
CA TYR B 238 -19.65 -22.31 13.29
C TYR B 238 -18.70 -23.01 12.29
N GLY B 239 -19.25 -23.60 11.24
CA GLY B 239 -18.46 -24.34 10.26
C GLY B 239 -18.20 -25.78 10.68
N SER B 240 -17.26 -26.48 10.00
CA SER B 240 -16.87 -27.87 10.30
C SER B 240 -18.07 -28.80 10.70
N ASP B 241 -18.09 -29.46 11.88
CA ASP B 241 -19.23 -30.31 12.25
C ASP B 241 -20.01 -29.77 13.47
N SER B 242 -20.10 -28.43 13.53
CA SER B 242 -20.71 -27.61 14.60
C SER B 242 -22.26 -27.47 14.43
N PRO B 243 -23.01 -26.79 15.33
CA PRO B 243 -24.46 -26.68 15.14
C PRO B 243 -24.87 -25.95 13.88
N VAL B 244 -24.08 -24.93 13.49
CA VAL B 244 -24.34 -24.14 12.29
C VAL B 244 -23.24 -24.50 11.32
N ARG B 245 -23.57 -25.28 10.28
CA ARG B 245 -22.55 -25.75 9.34
C ARG B 245 -23.10 -25.84 7.90
N TYR B 246 -22.21 -26.17 6.95
CA TYR B 246 -22.60 -26.36 5.57
C TYR B 246 -22.09 -27.70 5.04
N ASP B 247 -22.96 -28.42 4.32
CA ASP B 247 -22.55 -29.61 3.56
C ASP B 247 -23.32 -29.64 2.20
N GLY B 248 -23.27 -30.76 1.46
CA GLY B 248 -23.95 -30.90 0.18
C GLY B 248 -25.42 -30.53 0.19
N GLU B 249 -26.15 -30.94 1.24
CA GLU B 249 -27.57 -30.60 1.39
C GLU B 249 -27.80 -29.09 1.49
N GLY B 250 -26.90 -28.40 2.16
CA GLY B 250 -26.99 -26.97 2.34
C GLY B 250 -26.54 -26.58 3.72
N ILE B 251 -27.18 -25.52 4.27
CA ILE B 251 -26.91 -24.95 5.58
C ILE B 251 -27.80 -25.54 6.65
N HIS B 252 -27.16 -26.19 7.63
CA HIS B 252 -27.86 -26.77 8.76
C HIS B 252 -27.79 -25.78 9.89
N ILE B 253 -28.87 -25.67 10.65
CA ILE B 253 -28.98 -24.84 11.84
C ILE B 253 -29.64 -25.73 12.90
N GLY B 254 -28.78 -26.34 13.71
CA GLY B 254 -29.23 -27.31 14.69
C GLY B 254 -29.25 -28.65 14.02
N GLY B 255 -30.41 -29.29 13.99
CA GLY B 255 -30.55 -30.58 13.34
C GLY B 255 -31.09 -30.37 11.95
N ASP B 256 -32.22 -29.66 11.91
CA ASP B 256 -32.98 -29.31 10.71
C ASP B 256 -32.14 -28.58 9.68
N LEU B 257 -32.22 -29.00 8.41
CA LEU B 257 -31.50 -28.31 7.35
C LEU B 257 -32.39 -27.13 7.03
N ILE B 258 -32.01 -25.93 7.46
CA ILE B 258 -32.87 -24.77 7.25
C ILE B 258 -32.79 -24.25 5.79
N ILE B 259 -31.60 -24.22 5.16
CA ILE B 259 -31.52 -23.71 3.79
C ILE B 259 -30.84 -24.66 2.82
N PRO B 260 -31.63 -25.31 1.95
CA PRO B 260 -31.02 -26.24 0.98
C PRO B 260 -30.22 -25.50 -0.09
N ALA B 261 -29.15 -26.15 -0.57
CA ALA B 261 -28.20 -25.64 -1.55
C ALA B 261 -28.77 -24.72 -2.65
N GLU B 262 -29.90 -25.10 -3.24
CA GLU B 262 -30.56 -24.38 -4.32
C GLU B 262 -31.22 -23.08 -3.91
N GLU B 263 -31.67 -22.99 -2.65
CA GLU B 263 -32.31 -21.79 -2.12
C GLU B 263 -31.32 -20.64 -1.83
N LEU B 264 -30.01 -20.94 -1.69
CA LEU B 264 -29.01 -19.93 -1.41
C LEU B 264 -28.85 -18.99 -2.62
N PRO B 265 -28.76 -17.67 -2.36
CA PRO B 265 -28.62 -16.71 -3.47
C PRO B 265 -27.24 -16.70 -4.13
N PHE B 266 -26.21 -17.05 -3.34
CA PHE B 266 -24.80 -17.14 -3.74
C PHE B 266 -24.25 -18.44 -3.15
N ARG B 267 -23.26 -19.07 -3.80
CA ARG B 267 -22.74 -20.32 -3.26
C ARG B 267 -21.22 -20.39 -3.20
N SER B 268 -20.53 -19.23 -3.17
CA SER B 268 -19.07 -19.19 -3.03
C SER B 268 -18.62 -19.59 -1.60
N GLU B 269 -17.32 -19.93 -1.42
CA GLU B 269 -16.81 -20.32 -0.10
C GLU B 269 -16.89 -19.11 0.84
N HIS B 270 -16.48 -17.90 0.35
CA HIS B 270 -16.55 -16.65 1.09
C HIS B 270 -17.98 -16.40 1.57
N PHE B 271 -18.99 -16.44 0.67
CA PHE B 271 -20.35 -16.20 1.07
C PHE B 271 -20.85 -17.20 2.10
N ILE B 272 -20.63 -18.48 1.85
CA ILE B 272 -21.14 -19.51 2.71
C ILE B 272 -20.51 -19.46 4.09
N GLN B 273 -19.19 -19.26 4.16
CA GLN B 273 -18.51 -19.23 5.46
C GLN B 273 -18.95 -18.03 6.31
N ASN B 274 -19.07 -16.88 5.65
CA ASN B 274 -19.49 -15.65 6.31
C ASN B 274 -20.98 -15.66 6.71
N THR B 275 -21.79 -16.44 6.00
CA THR B 275 -23.20 -16.62 6.30
C THR B 275 -23.37 -17.50 7.50
N LEU B 276 -22.53 -18.53 7.68
CA LEU B 276 -22.61 -19.36 8.87
C LEU B 276 -22.26 -18.53 10.11
N ALA B 277 -21.22 -17.65 10.02
CA ALA B 277 -20.84 -16.72 11.08
C ALA B 277 -22.00 -15.78 11.44
N ALA B 278 -22.71 -15.23 10.43
CA ALA B 278 -23.83 -14.33 10.64
C ALA B 278 -24.97 -15.09 11.33
N ALA B 279 -25.27 -16.31 10.83
CA ALA B 279 -26.32 -17.18 11.38
C ALA B 279 -26.03 -17.55 12.85
N ALA B 280 -24.82 -18.03 13.14
CA ALA B 280 -24.41 -18.39 14.49
C ALA B 280 -24.60 -17.22 15.47
N ALA B 281 -24.20 -16.00 15.04
CA ALA B 281 -24.32 -14.80 15.85
C ALA B 281 -25.79 -14.40 16.02
N CYS B 282 -26.64 -14.66 15.03
CA CYS B 282 -28.07 -14.32 15.13
C CYS B 282 -28.85 -15.27 16.02
N LEU B 283 -28.39 -16.52 16.16
CA LEU B 283 -29.02 -17.46 17.07
C LEU B 283 -28.77 -17.00 18.49
N GLU B 284 -27.56 -16.48 18.80
CA GLU B 284 -27.22 -15.93 20.11
C GLU B 284 -28.01 -14.68 20.44
N LEU B 285 -28.36 -13.88 19.43
CA LEU B 285 -29.22 -12.71 19.67
C LEU B 285 -30.72 -13.10 19.83
N GLY B 286 -31.01 -14.41 19.88
CA GLY B 286 -32.36 -14.94 20.03
C GLY B 286 -33.22 -14.84 18.80
N PHE B 287 -32.64 -15.03 17.61
CA PHE B 287 -33.43 -15.00 16.37
C PHE B 287 -33.71 -16.41 15.94
N SER B 288 -34.88 -16.64 15.34
CA SER B 288 -35.27 -17.99 14.94
C SER B 288 -34.61 -18.39 13.66
N PRO B 289 -34.33 -19.70 13.46
CA PRO B 289 -33.77 -20.13 12.17
C PRO B 289 -34.63 -19.74 10.96
N GLU B 290 -35.91 -19.41 11.16
CA GLU B 290 -36.77 -18.97 10.05
C GLU B 290 -36.49 -17.50 9.70
N ASP B 291 -36.20 -16.68 10.73
CA ASP B 291 -35.81 -15.28 10.58
C ASP B 291 -34.48 -15.21 9.80
N ILE B 292 -33.54 -16.12 10.12
CA ILE B 292 -32.25 -16.25 9.47
C ILE B 292 -32.43 -16.71 8.02
N ARG B 293 -33.23 -17.76 7.79
CA ARG B 293 -33.53 -18.30 6.45
C ARG B 293 -34.10 -17.19 5.55
N MET B 294 -34.97 -16.36 6.10
CA MET B 294 -35.56 -15.26 5.37
C MET B 294 -34.54 -14.17 5.03
N GLY B 295 -33.64 -13.89 5.98
CA GLY B 295 -32.60 -12.89 5.79
C GLY B 295 -31.64 -13.30 4.71
N VAL B 296 -31.07 -14.52 4.81
CA VAL B 296 -30.15 -15.07 3.83
C VAL B 296 -30.70 -15.03 2.41
N LYS B 297 -31.95 -15.46 2.22
CA LYS B 297 -32.57 -15.48 0.90
C LYS B 297 -32.86 -14.08 0.34
N THR B 298 -33.03 -13.09 1.22
CA THR B 298 -33.29 -11.68 0.87
C THR B 298 -31.96 -10.87 0.70
N TYR B 299 -30.79 -11.48 1.06
CA TYR B 299 -29.51 -10.79 1.06
C TYR B 299 -29.06 -10.25 -0.28
N ARG B 300 -28.87 -8.92 -0.31
CA ARG B 300 -28.31 -8.21 -1.45
C ARG B 300 -26.91 -7.80 -1.02
N PRO B 301 -25.89 -8.10 -1.82
CA PRO B 301 -24.51 -7.83 -1.43
C PRO B 301 -24.15 -6.38 -1.09
N LEU B 302 -23.02 -6.16 -0.42
CA LEU B 302 -22.58 -4.82 -0.04
C LEU B 302 -22.00 -3.99 -1.20
N LYS B 303 -21.08 -4.61 -1.97
CA LYS B 303 -20.34 -4.03 -3.09
C LYS B 303 -21.13 -4.13 -4.38
N ARG B 304 -21.06 -3.08 -5.24
CA ARG B 304 -21.81 -3.11 -6.49
C ARG B 304 -21.04 -3.78 -7.60
N ARG B 305 -21.00 -5.10 -7.56
CA ARG B 305 -20.30 -5.87 -8.57
C ARG B 305 -21.35 -6.71 -9.24
N PHE B 306 -22.02 -6.16 -10.28
CA PHE B 306 -23.08 -6.82 -11.08
C PHE B 306 -24.24 -7.31 -10.22
N SER B 307 -24.59 -6.49 -9.23
CA SER B 307 -25.63 -6.83 -8.27
C SER B 307 -27.03 -6.80 -8.86
N VAL B 308 -27.76 -7.92 -8.75
CA VAL B 308 -29.14 -7.94 -9.19
C VAL B 308 -30.04 -7.36 -8.08
N LEU B 309 -30.81 -6.31 -8.39
CA LEU B 309 -31.72 -5.69 -7.42
C LEU B 309 -33.19 -6.08 -7.67
N MET B 310 -33.52 -6.54 -8.91
CA MET B 310 -34.87 -6.90 -9.35
C MET B 310 -34.80 -7.90 -10.49
N THR B 311 -35.82 -8.76 -10.60
CA THR B 311 -35.85 -9.75 -11.68
C THR B 311 -36.72 -9.37 -12.90
N GLU B 312 -37.83 -8.61 -12.71
CA GLU B 312 -38.69 -8.29 -13.85
C GLU B 312 -39.23 -6.87 -13.75
N PRO B 313 -38.62 -5.89 -14.42
CA PRO B 313 -37.45 -5.97 -15.30
C PRO B 313 -36.16 -6.25 -14.54
N LEU B 314 -35.18 -6.86 -15.23
CA LEU B 314 -33.91 -7.17 -14.59
C LEU B 314 -33.16 -5.88 -14.28
N VAL B 315 -32.84 -5.64 -13.01
CA VAL B 315 -32.10 -4.42 -12.66
C VAL B 315 -30.73 -4.83 -12.16
N ILE B 316 -29.66 -4.39 -12.86
CA ILE B 316 -28.27 -4.73 -12.50
C ILE B 316 -27.54 -3.47 -12.08
N ASP B 317 -26.84 -3.53 -10.94
CA ASP B 317 -26.11 -2.40 -10.37
C ASP B 317 -24.61 -2.69 -10.42
N ASP B 318 -23.83 -1.89 -11.16
CA ASP B 318 -22.38 -2.09 -11.26
C ASP B 318 -21.59 -0.84 -10.98
N PHE B 319 -20.39 -1.05 -10.40
CA PHE B 319 -19.49 0.04 -10.01
C PHE B 319 -18.63 0.56 -11.15
N ALA B 320 -18.80 0.00 -12.40
CA ALA B 320 -18.12 0.33 -13.68
C ALA B 320 -17.76 1.80 -13.76
N HIS B 321 -16.50 2.15 -13.49
CA HIS B 321 -16.04 3.53 -13.40
C HIS B 321 -14.79 3.78 -14.23
N ASN B 322 -14.48 2.90 -15.17
CA ASN B 322 -13.29 3.03 -16.00
C ASN B 322 -13.64 2.42 -17.36
N PRO B 323 -12.93 2.79 -18.45
CA PRO B 323 -13.29 2.20 -19.75
C PRO B 323 -13.33 0.67 -19.77
N SER B 324 -12.35 -0.06 -19.19
CA SER B 324 -12.39 -1.55 -19.23
C SER B 324 -13.59 -2.17 -18.49
N GLY B 325 -13.93 -1.61 -17.34
CA GLY B 325 -15.07 -2.06 -16.55
C GLY B 325 -16.40 -1.69 -17.18
N ILE B 326 -16.43 -0.62 -17.97
CA ILE B 326 -17.64 -0.21 -18.67
C ILE B 326 -17.92 -1.23 -19.79
N ARG B 327 -16.88 -1.59 -20.59
CA ARG B 327 -17.02 -2.58 -21.65
C ARG B 327 -17.43 -3.96 -21.14
N PHE B 328 -16.68 -4.54 -20.18
CA PHE B 328 -16.93 -5.85 -19.57
C PHE B 328 -18.37 -5.96 -19.08
N THR B 329 -18.91 -4.88 -18.52
CA THR B 329 -20.22 -4.89 -17.92
C THR B 329 -21.32 -4.84 -18.93
N VAL B 330 -21.17 -3.99 -19.94
CA VAL B 330 -22.17 -3.89 -21.00
C VAL B 330 -22.21 -5.20 -21.78
N ARG B 331 -21.02 -5.83 -22.04
CA ARG B 331 -20.94 -7.13 -22.72
C ARG B 331 -21.77 -8.19 -21.95
N SER B 332 -21.55 -8.34 -20.65
CA SER B 332 -22.28 -9.32 -19.85
C SER B 332 -23.77 -9.00 -19.79
N ALA B 333 -24.12 -7.71 -19.71
CA ALA B 333 -25.54 -7.32 -19.67
C ALA B 333 -26.26 -7.65 -20.99
N ALA B 334 -25.55 -7.45 -22.11
CA ALA B 334 -26.07 -7.72 -23.43
C ALA B 334 -26.17 -9.22 -23.72
N ALA B 335 -25.37 -10.05 -23.02
CA ALA B 335 -25.36 -11.49 -23.29
C ALA B 335 -26.72 -12.18 -23.16
N ASN B 336 -27.43 -11.95 -22.05
CA ASN B 336 -28.72 -12.58 -21.83
C ASN B 336 -29.85 -11.56 -21.98
N LEU B 337 -29.80 -10.77 -23.05
CA LEU B 337 -30.78 -9.74 -23.29
C LEU B 337 -32.05 -10.24 -23.98
N ARG B 338 -33.22 -10.01 -23.36
CA ARG B 338 -34.53 -10.42 -23.86
C ARG B 338 -35.33 -9.29 -24.49
N GLY B 339 -35.03 -8.05 -24.14
CA GLY B 339 -35.72 -6.89 -24.67
C GLY B 339 -34.80 -5.72 -24.87
N ARG B 340 -35.21 -4.56 -24.39
CA ARG B 340 -34.41 -3.34 -24.50
C ARG B 340 -33.45 -3.20 -23.30
N LEU B 341 -32.28 -2.61 -23.52
CA LEU B 341 -31.32 -2.38 -22.49
C LEU B 341 -31.40 -0.92 -22.13
N TRP B 342 -31.71 -0.61 -20.89
CA TRP B 342 -31.79 0.76 -20.42
C TRP B 342 -30.55 0.99 -19.58
N VAL B 343 -29.66 1.92 -19.99
CA VAL B 343 -28.43 2.16 -19.27
C VAL B 343 -28.49 3.50 -18.57
N VAL B 344 -28.37 3.51 -17.24
CA VAL B 344 -28.35 4.76 -16.48
C VAL B 344 -26.95 4.93 -15.99
N ASN B 345 -26.23 5.92 -16.50
CA ASN B 345 -24.83 6.11 -16.12
C ASN B 345 -24.63 7.41 -15.39
N ALA B 346 -23.87 7.40 -14.28
CA ALA B 346 -23.60 8.61 -13.51
C ALA B 346 -22.20 9.17 -13.75
N ILE B 347 -22.11 10.37 -14.35
CA ILE B 347 -20.85 11.10 -14.63
C ILE B 347 -20.00 11.19 -13.37
N ARG B 348 -18.69 10.93 -13.46
CA ARG B 348 -17.81 10.97 -12.31
C ARG B 348 -17.49 12.36 -11.85
N GLY B 349 -18.34 12.88 -10.98
CA GLY B 349 -18.17 14.20 -10.40
C GLY B 349 -16.85 14.47 -9.73
N SER B 350 -16.34 15.66 -9.98
CA SER B 350 -15.11 16.20 -9.44
C SER B 350 -13.89 15.30 -9.71
N ARG B 351 -13.89 14.61 -10.87
CA ARG B 351 -12.77 13.76 -11.26
C ARG B 351 -12.00 14.23 -12.51
N GLY B 352 -12.24 15.47 -12.95
CA GLY B 352 -11.57 16.03 -14.12
C GLY B 352 -12.26 15.67 -15.42
N GLU B 353 -11.90 16.34 -16.52
CA GLU B 353 -12.57 16.07 -17.80
C GLU B 353 -12.06 14.81 -18.49
N ASP B 354 -10.75 14.50 -18.35
CA ASP B 354 -10.13 13.37 -19.05
C ASP B 354 -10.71 12.03 -18.69
N ILE B 355 -10.92 11.81 -17.40
CA ILE B 355 -11.51 10.56 -16.92
C ILE B 355 -12.90 10.37 -17.52
N ASN B 356 -13.68 11.46 -17.49
CA ASN B 356 -15.05 11.46 -17.97
C ASN B 356 -15.17 11.29 -19.48
N VAL B 357 -14.25 11.89 -20.26
CA VAL B 357 -14.27 11.74 -21.72
C VAL B 357 -13.97 10.29 -22.13
N MET B 358 -13.01 9.65 -21.45
CA MET B 358 -12.66 8.24 -21.71
C MET B 358 -13.81 7.29 -21.43
N ASN B 359 -14.59 7.58 -20.39
CA ASN B 359 -15.73 6.75 -20.01
C ASN B 359 -16.89 6.94 -20.95
N ALA B 360 -17.12 8.21 -21.38
CA ALA B 360 -18.18 8.54 -22.32
C ALA B 360 -17.92 7.81 -23.65
N ALA B 361 -16.64 7.79 -24.08
CA ALA B 361 -16.25 7.09 -25.30
C ALA B 361 -16.52 5.60 -25.18
N ALA B 362 -16.11 4.96 -24.06
CA ALA B 362 -16.31 3.54 -23.81
C ALA B 362 -17.79 3.19 -23.79
N LEU B 363 -18.61 4.07 -23.22
CA LEU B 363 -20.05 3.83 -23.14
C LEU B 363 -20.66 3.80 -24.53
N ALA B 364 -20.27 4.77 -25.36
CA ALA B 364 -20.78 4.89 -26.72
C ALA B 364 -20.43 3.67 -27.56
N ASP B 365 -19.19 3.17 -27.48
CA ASP B 365 -18.80 1.99 -28.25
C ASP B 365 -19.58 0.76 -27.80
N SER B 366 -19.56 0.46 -26.51
CA SER B 366 -20.26 -0.70 -25.98
C SER B 366 -21.76 -0.71 -26.32
N LEU B 367 -22.38 0.47 -26.46
CA LEU B 367 -23.82 0.54 -26.75
C LEU B 367 -24.20 0.55 -28.24
N ARG B 368 -23.24 0.82 -29.16
CA ARG B 368 -23.56 0.83 -30.59
C ARG B 368 -23.91 -0.57 -31.09
N GLY B 369 -24.97 -0.63 -31.88
CA GLY B 369 -25.48 -1.89 -32.41
C GLY B 369 -26.37 -2.65 -31.45
N LEU B 370 -26.86 -1.96 -30.40
CA LEU B 370 -27.70 -2.60 -29.40
C LEU B 370 -29.06 -1.93 -29.32
N ASN B 371 -30.09 -2.67 -28.86
CA ASN B 371 -31.40 -2.10 -28.62
C ASN B 371 -31.25 -1.48 -27.25
N ALA B 372 -30.73 -0.24 -27.19
CA ALA B 372 -30.43 0.40 -25.93
C ALA B 372 -30.72 1.90 -25.87
N GLU B 373 -31.09 2.36 -24.68
CA GLU B 373 -31.32 3.77 -24.41
C GLU B 373 -30.37 4.22 -23.31
N LEU B 374 -29.74 5.40 -23.48
CA LEU B 374 -28.78 5.88 -22.52
C LEU B 374 -29.27 7.10 -21.75
N ILE B 375 -29.36 6.98 -20.42
CA ILE B 375 -29.76 8.08 -19.56
C ILE B 375 -28.54 8.45 -18.78
N VAL B 376 -28.04 9.65 -18.99
CA VAL B 376 -26.84 10.12 -18.31
C VAL B 376 -27.29 11.01 -17.16
N THR B 377 -26.77 10.78 -15.95
CA THR B 377 -27.21 11.57 -14.81
C THR B 377 -26.07 12.28 -14.14
N SER B 378 -26.39 13.39 -13.53
CA SER B 378 -25.45 14.15 -12.75
C SER B 378 -25.54 13.77 -11.26
N SER B 379 -26.70 13.18 -10.82
CA SER B 379 -27.01 12.76 -9.47
C SER B 379 -26.81 13.89 -8.47
N SER B 380 -27.07 15.14 -8.88
CA SER B 380 -26.89 16.34 -8.06
C SER B 380 -27.69 16.30 -6.74
N ASP B 381 -28.77 15.54 -6.72
CA ASP B 381 -29.61 15.39 -5.54
C ASP B 381 -29.02 14.43 -4.50
N VAL B 382 -28.11 13.52 -4.90
CA VAL B 382 -27.58 12.51 -3.99
C VAL B 382 -26.06 12.55 -3.77
N VAL B 383 -25.33 13.51 -4.36
CA VAL B 383 -23.88 13.56 -4.17
C VAL B 383 -23.45 14.68 -3.26
N ASP B 384 -22.35 14.44 -2.54
CA ASP B 384 -21.69 15.42 -1.68
C ASP B 384 -20.78 16.33 -2.54
N GLU B 385 -20.22 17.39 -1.96
CA GLU B 385 -19.37 18.32 -2.72
C GLU B 385 -18.10 17.68 -3.30
N GLN B 386 -17.54 16.65 -2.63
CA GLN B 386 -16.36 15.95 -3.15
C GLN B 386 -16.63 15.18 -4.44
N ASN B 387 -17.91 14.93 -4.77
CA ASN B 387 -18.35 14.20 -5.96
C ASN B 387 -19.34 14.96 -6.81
N ARG B 388 -19.34 16.29 -6.73
CA ARG B 388 -20.24 17.15 -7.49
C ARG B 388 -19.79 17.24 -8.94
N VAL B 389 -20.72 17.03 -9.89
CA VAL B 389 -20.41 17.13 -11.33
C VAL B 389 -20.26 18.60 -11.74
N LEU B 390 -19.05 19.02 -12.10
CA LEU B 390 -18.80 20.41 -12.49
C LEU B 390 -19.26 20.67 -13.93
N GLU B 391 -19.59 21.92 -14.27
CA GLU B 391 -20.05 22.28 -15.62
C GLU B 391 -19.16 21.79 -16.75
N ASN B 392 -17.84 22.03 -16.64
CA ASN B 392 -16.86 21.62 -17.64
C ASN B 392 -16.82 20.11 -17.82
N GLU B 393 -17.07 19.35 -16.73
CA GLU B 393 -17.06 17.89 -16.76
C GLU B 393 -18.31 17.38 -17.44
N ARG B 394 -19.46 18.00 -17.19
CA ARG B 394 -20.71 17.57 -17.82
C ARG B 394 -20.64 17.79 -19.33
N ARG B 395 -20.12 18.95 -19.73
CA ARG B 395 -20.01 19.29 -21.14
C ARG B 395 -18.98 18.41 -21.85
N ALA B 396 -17.91 18.00 -21.15
CA ALA B 396 -16.91 17.12 -21.75
C ALA B 396 -17.52 15.74 -21.98
N PHE B 397 -18.27 15.21 -20.99
CA PHE B 397 -18.90 13.90 -21.08
C PHE B 397 -19.94 13.90 -22.17
N LEU B 398 -20.87 14.86 -22.14
CA LEU B 398 -21.92 14.93 -23.13
C LEU B 398 -21.41 15.30 -24.52
N GLY B 399 -20.24 15.94 -24.59
CA GLY B 399 -19.59 16.28 -25.85
C GLY B 399 -19.27 15.05 -26.64
N VAL B 400 -18.70 14.05 -25.99
CA VAL B 400 -18.36 12.79 -26.64
C VAL B 400 -19.62 12.06 -27.21
N LEU B 401 -20.72 12.06 -26.45
CA LEU B 401 -21.97 11.43 -26.91
C LEU B 401 -22.60 12.20 -28.08
N ASP B 402 -22.39 13.53 -28.11
CA ASP B 402 -22.90 14.41 -29.17
C ASP B 402 -22.07 14.11 -30.44
N GLU B 403 -20.73 14.15 -30.32
CA GLU B 403 -19.81 13.90 -31.41
C GLU B 403 -20.04 12.52 -32.04
N ARG B 404 -20.29 11.52 -31.20
CA ARG B 404 -20.57 10.17 -31.70
C ARG B 404 -22.06 10.09 -32.10
N GLY B 405 -22.59 8.92 -32.45
CA GLY B 405 -24.00 8.82 -32.79
C GLY B 405 -24.80 8.22 -31.65
N ALA B 406 -24.60 8.73 -30.37
CA ALA B 406 -25.30 8.04 -29.28
C ALA B 406 -26.63 8.64 -28.87
N SER B 407 -27.69 7.82 -28.81
CA SER B 407 -29.01 8.28 -28.38
C SER B 407 -29.02 8.38 -26.85
N TYR B 408 -29.07 9.61 -26.33
CA TYR B 408 -29.02 9.83 -24.90
C TYR B 408 -29.92 10.96 -24.41
N ILE B 409 -30.17 11.00 -23.10
CA ILE B 409 -30.87 12.09 -22.44
C ILE B 409 -30.15 12.39 -21.15
N HIS B 410 -29.84 13.66 -20.91
CA HIS B 410 -29.22 14.03 -19.64
C HIS B 410 -30.33 14.37 -18.62
N VAL B 411 -30.27 13.75 -17.45
CA VAL B 411 -31.22 13.95 -16.36
C VAL B 411 -30.43 14.34 -15.14
N GLU B 412 -30.52 15.61 -14.72
CA GLU B 412 -29.79 16.14 -13.57
C GLU B 412 -29.89 15.33 -12.25
N LYS B 413 -31.10 14.97 -11.80
CA LYS B 413 -31.24 14.22 -10.55
C LYS B 413 -31.26 12.71 -10.77
N LEU B 414 -30.62 11.96 -9.86
CA LEU B 414 -30.59 10.51 -9.93
C LEU B 414 -31.99 9.95 -9.68
N ARG B 415 -32.73 10.52 -8.71
CA ARG B 415 -34.09 10.04 -8.43
C ARG B 415 -35.03 10.24 -9.62
N ASP B 416 -34.82 11.31 -10.41
CA ASP B 416 -35.64 11.55 -11.59
C ASP B 416 -35.33 10.47 -12.63
N ALA B 417 -34.03 10.20 -12.86
CA ALA B 417 -33.56 9.20 -13.82
C ALA B 417 -34.02 7.79 -13.48
N LEU B 418 -34.01 7.41 -12.21
CA LEU B 418 -34.43 6.07 -11.80
C LEU B 418 -35.94 5.89 -11.93
N ARG B 419 -36.72 6.95 -11.67
CA ARG B 419 -38.17 6.92 -11.82
C ARG B 419 -38.50 6.81 -13.32
N MET B 420 -37.81 7.59 -14.14
CA MET B 420 -37.96 7.60 -15.58
C MET B 420 -37.73 6.22 -16.22
N VAL B 421 -36.64 5.55 -15.84
CA VAL B 421 -36.29 4.27 -16.43
C VAL B 421 -37.23 3.15 -15.97
N LEU B 422 -37.70 3.19 -14.73
CA LEU B 422 -38.59 2.15 -14.21
C LEU B 422 -39.98 2.21 -14.85
N ASP B 423 -40.46 3.42 -15.18
CA ASP B 423 -41.75 3.59 -15.83
C ASP B 423 -41.65 3.10 -17.26
N ALA B 424 -40.63 3.57 -18.00
CA ALA B 424 -40.42 3.23 -19.41
C ALA B 424 -40.17 1.74 -19.71
N ALA B 425 -39.42 1.04 -18.86
CA ALA B 425 -39.09 -0.35 -19.10
C ALA B 425 -40.28 -1.30 -18.98
N LYS B 426 -40.20 -2.44 -19.68
CA LYS B 426 -41.15 -3.54 -19.70
C LYS B 426 -40.49 -4.73 -18.98
N PRO B 427 -41.24 -5.74 -18.51
CA PRO B 427 -40.62 -6.85 -17.75
C PRO B 427 -39.48 -7.62 -18.44
N HIS B 428 -39.50 -7.78 -19.77
CA HIS B 428 -38.41 -8.47 -20.47
C HIS B 428 -37.15 -7.58 -20.72
N ASP B 429 -37.25 -6.29 -20.41
CA ASP B 429 -36.14 -5.35 -20.56
C ASP B 429 -35.11 -5.52 -19.42
N THR B 430 -33.88 -5.02 -19.64
CA THR B 430 -32.81 -5.06 -18.66
C THR B 430 -32.35 -3.63 -18.36
N ILE B 431 -32.32 -3.23 -17.10
CA ILE B 431 -31.84 -1.92 -16.71
C ILE B 431 -30.47 -2.11 -16.10
N LEU B 432 -29.46 -1.44 -16.65
CA LEU B 432 -28.10 -1.52 -16.19
C LEU B 432 -27.73 -0.16 -15.61
N LEU B 433 -27.45 -0.12 -14.29
CA LEU B 433 -27.06 1.11 -13.59
C LEU B 433 -25.53 1.11 -13.40
N LEU B 434 -24.80 2.04 -14.04
CA LEU B 434 -23.32 2.13 -13.99
C LEU B 434 -22.91 3.42 -13.34
N GLY B 435 -21.75 3.43 -12.70
CA GLY B 435 -21.27 4.63 -12.03
C GLY B 435 -20.64 4.36 -10.68
N ALA B 436 -19.96 5.38 -10.11
CA ALA B 436 -19.25 5.28 -8.86
C ALA B 436 -20.11 5.94 -7.70
N GLN B 437 -19.64 6.92 -6.87
CA GLN B 437 -20.38 7.58 -5.80
C GLN B 437 -21.73 8.13 -6.28
N GLY B 438 -21.77 8.60 -7.54
CA GLY B 438 -22.97 9.14 -8.16
C GLY B 438 -24.07 8.12 -8.38
N MET B 439 -23.71 6.84 -8.45
CA MET B 439 -24.68 5.78 -8.65
C MET B 439 -24.85 4.95 -7.37
N ASP B 440 -23.98 5.10 -6.35
CA ASP B 440 -24.06 4.33 -5.11
C ASP B 440 -25.47 4.31 -4.48
N PRO B 441 -26.15 5.47 -4.29
CA PRO B 441 -27.48 5.43 -3.64
C PRO B 441 -28.64 4.93 -4.47
N ALA B 442 -28.40 4.35 -5.66
CA ALA B 442 -29.48 3.88 -6.51
C ALA B 442 -30.21 2.70 -5.93
N ALA B 443 -29.50 1.75 -5.33
CA ALA B 443 -30.15 0.57 -4.71
C ALA B 443 -31.17 1.00 -3.64
N GLY B 444 -30.80 2.00 -2.82
CA GLY B 444 -31.66 2.55 -1.78
C GLY B 444 -32.88 3.29 -2.28
N ILE B 445 -32.76 4.01 -3.40
CA ILE B 445 -33.86 4.75 -4.03
C ILE B 445 -34.85 3.80 -4.68
N ILE B 446 -34.36 2.77 -5.36
CA ILE B 446 -35.23 1.80 -6.01
C ILE B 446 -36.16 1.09 -4.99
N ASP B 447 -35.71 0.94 -3.72
CA ASP B 447 -36.53 0.37 -2.65
C ASP B 447 -37.67 1.33 -2.27
N GLU B 448 -37.38 2.63 -2.19
CA GLU B 448 -38.38 3.63 -1.86
C GLU B 448 -39.41 3.77 -2.98
N ILE B 449 -38.95 3.82 -4.24
CA ILE B 449 -39.86 4.02 -5.36
C ILE B 449 -40.46 2.68 -5.91
N ARG B 450 -40.37 1.63 -5.12
CA ARG B 450 -40.94 0.32 -5.39
C ARG B 450 -41.94 -0.01 -4.24
N MET B 451 -41.54 0.35 -2.97
CA MET B 451 -42.27 0.22 -1.71
C MET B 451 -42.79 -1.20 -1.47
#